data_1D9H
# 
_entry.id   1D9H 
# 
_audit_conform.dict_name       mmcif_pdbx.dic 
_audit_conform.dict_version    5.385 
_audit_conform.dict_location   http://mmcif.pdb.org/dictionaries/ascii/mmcif_pdbx.dic 
# 
loop_
_database_2.database_id 
_database_2.database_code 
_database_2.pdbx_database_accession 
_database_2.pdbx_DOI 
PDB   1D9H         pdb_00001d9h 10.2210/pdb1d9h/pdb 
NDB   AH0006       ?            ?                   
RCSB  RCSB009911   ?            ?                   
WWPDB D_1000009911 ?            ?                   
# 
loop_
_pdbx_audit_revision_history.ordinal 
_pdbx_audit_revision_history.data_content_type 
_pdbx_audit_revision_history.major_revision 
_pdbx_audit_revision_history.minor_revision 
_pdbx_audit_revision_history.revision_date 
1 'Structure model' 1 0 1999-12-02 
2 'Structure model' 1 1 2008-01-03 
3 'Structure model' 1 2 2011-07-13 
4 'Structure model' 1 3 2024-02-07 
# 
_pdbx_audit_revision_details.ordinal             1 
_pdbx_audit_revision_details.revision_ordinal    1 
_pdbx_audit_revision_details.data_content_type   'Structure model' 
_pdbx_audit_revision_details.provider            repository 
_pdbx_audit_revision_details.type                'Initial release' 
_pdbx_audit_revision_details.description         ? 
_pdbx_audit_revision_details.details             ? 
# 
loop_
_pdbx_audit_revision_group.ordinal 
_pdbx_audit_revision_group.revision_ordinal 
_pdbx_audit_revision_group.data_content_type 
_pdbx_audit_revision_group.group 
1 2 'Structure model' 'Version format compliance' 
2 3 'Structure model' 'Version format compliance' 
3 4 'Structure model' 'Data collection'           
4 4 'Structure model' 'Database references'       
5 4 'Structure model' 'Derived calculations'      
# 
loop_
_pdbx_audit_revision_category.ordinal 
_pdbx_audit_revision_category.revision_ordinal 
_pdbx_audit_revision_category.data_content_type 
_pdbx_audit_revision_category.category 
1 4 'Structure model' chem_comp_atom 
2 4 'Structure model' chem_comp_bond 
3 4 'Structure model' database_2     
4 4 'Structure model' struct_conn    
5 4 'Structure model' struct_ref_seq 
# 
loop_
_pdbx_audit_revision_item.ordinal 
_pdbx_audit_revision_item.revision_ordinal 
_pdbx_audit_revision_item.data_content_type 
_pdbx_audit_revision_item.item 
1 4 'Structure model' '_database_2.pdbx_DOI'                
2 4 'Structure model' '_database_2.pdbx_database_accession' 
3 4 'Structure model' '_struct_conn.pdbx_leaving_atom_flag' 
4 4 'Structure model' '_struct_ref_seq.db_align_beg'        
5 4 'Structure model' '_struct_ref_seq.db_align_end'        
# 
_pdbx_database_status.status_code                     REL 
_pdbx_database_status.entry_id                        1D9H 
_pdbx_database_status.recvd_initial_deposition_date   1999-10-27 
_pdbx_database_status.deposit_site                    RCSB 
_pdbx_database_status.process_site                    RCSB 
_pdbx_database_status.status_code_sf                  REL 
_pdbx_database_status.SG_entry                        . 
_pdbx_database_status.status_code_mr                  ? 
_pdbx_database_status.pdb_format_compatible           Y 
_pdbx_database_status.status_code_cs                  ? 
_pdbx_database_status.status_code_nmr_data            ? 
_pdbx_database_status.methods_development_category    ? 
# 
loop_
_audit_author.name 
_audit_author.pdbx_ordinal 
'Teplova, M.'   1 
'Wallace, S.T.' 2 
'Tereshko, V.'  3 
'Minasov, G.'   4 
'Simons, A.M.'  5 
'Cook, P.D.'    6 
'Manoharan, M.' 7 
'Egli, M.'      8 
# 
_citation.id                        primary 
_citation.title                     'Structural origins of the exonuclease resistance of a zwitterionic RNA' 
_citation.journal_abbrev            Proc.Natl.Acad.Sci.USA 
_citation.journal_volume            96 
_citation.page_first                14240 
_citation.page_last                 14245 
_citation.year                      1999 
_citation.journal_id_ASTM           PNASA6 
_citation.country                   US 
_citation.journal_id_ISSN           0027-8424 
_citation.journal_id_CSD            0040 
_citation.book_publisher            ? 
_citation.pdbx_database_id_PubMed   10588690 
_citation.pdbx_database_id_DOI      10.1073/pnas.96.25.14240 
# 
loop_
_citation_author.citation_id 
_citation_author.name 
_citation_author.ordinal 
_citation_author.identifier_ORCID 
primary 'Teplova, M.'   1 ? 
primary 'Wallace, S.T.' 2 ? 
primary 'Tereshko, V.'  3 ? 
primary 'Minasov, G.'   4 ? 
primary 'Symons, A.M.'  5 ? 
primary 'Cook, P.D.'    6 ? 
primary 'Manoharan, M.' 7 ? 
primary 'Egli, M.'      8 ? 
# 
loop_
_entity.id 
_entity.type 
_entity.src_method 
_entity.pdbx_description 
_entity.formula_weight 
_entity.pdbx_number_of_molecules 
_entity.pdbx_ec 
_entity.pdbx_mutation 
_entity.pdbx_fragment 
_entity.details 
1 polymer syn 
;DNA/RNA (5'-D(*GP*CP*GP*TP*AP)-R(*(U31)P)-D(*AP*CP*GP*C)-3')
;
3104.073 2   ? ? ? ? 
2 water   nat water                                                          18.015   145 ? ? ? ? 
# 
_entity_poly.entity_id                      1 
_entity_poly.type                           'polydeoxyribonucleotide/polyribonucleotide hybrid' 
_entity_poly.nstd_linkage                   no 
_entity_poly.nstd_monomer                   yes 
_entity_poly.pdbx_seq_one_letter_code       '(DG)(DC)(DG)(DT)(DA)(U31)(DA)(DC)(DG)(DC)' 
_entity_poly.pdbx_seq_one_letter_code_can   GCGTAUACGC 
_entity_poly.pdbx_strand_id                 A,B 
_entity_poly.pdbx_target_identifier         ? 
# 
_pdbx_entity_nonpoly.entity_id   2 
_pdbx_entity_nonpoly.name        water 
_pdbx_entity_nonpoly.comp_id     HOH 
# 
loop_
_entity_poly_seq.entity_id 
_entity_poly_seq.num 
_entity_poly_seq.mon_id 
_entity_poly_seq.hetero 
1 1  DG  n 
1 2  DC  n 
1 3  DG  n 
1 4  DT  n 
1 5  DA  n 
1 6  U31 n 
1 7  DA  n 
1 8  DC  n 
1 9  DG  n 
1 10 DC  n 
# 
loop_
_chem_comp.id 
_chem_comp.type 
_chem_comp.mon_nstd_flag 
_chem_comp.name 
_chem_comp.pdbx_synonyms 
_chem_comp.formula 
_chem_comp.formula_weight 
DA  'DNA linking' y "2'-DEOXYADENOSINE-5'-MONOPHOSPHATE"                  ? 'C10 H14 N5 O6 P' 331.222 
DC  'DNA linking' y "2'-DEOXYCYTIDINE-5'-MONOPHOSPHATE"                   ? 'C9 H14 N3 O7 P'  307.197 
DG  'DNA linking' y "2'-DEOXYGUANOSINE-5'-MONOPHOSPHATE"                  ? 'C10 H14 N5 O7 P' 347.221 
DT  'DNA linking' y "THYMIDINE-5'-MONOPHOSPHATE"                          ? 'C10 H15 N2 O8 P' 322.208 
HOH non-polymer   . WATER                                                 ? 'H2 O'            18.015  
U31 'RNA linking' n 
;2'-O-3-AMINOPROPYL 2'-DEOXYURIDINE-5'-MONOPHOSPHATE
;
? 'C12 H20 N3 O9 P' 381.276 
# 
loop_
_pdbx_poly_seq_scheme.asym_id 
_pdbx_poly_seq_scheme.entity_id 
_pdbx_poly_seq_scheme.seq_id 
_pdbx_poly_seq_scheme.mon_id 
_pdbx_poly_seq_scheme.ndb_seq_num 
_pdbx_poly_seq_scheme.pdb_seq_num 
_pdbx_poly_seq_scheme.auth_seq_num 
_pdbx_poly_seq_scheme.pdb_mon_id 
_pdbx_poly_seq_scheme.auth_mon_id 
_pdbx_poly_seq_scheme.pdb_strand_id 
_pdbx_poly_seq_scheme.pdb_ins_code 
_pdbx_poly_seq_scheme.hetero 
A 1 1  DG  1  1  1  DG  DG  A . n 
A 1 2  DC  2  2  2  DC  DC  A . n 
A 1 3  DG  3  3  3  DG  DG  A . n 
A 1 4  DT  4  4  4  DT  DT  A . n 
A 1 5  DA  5  5  5  DA  DA  A . n 
A 1 6  U31 6  6  6  U31 U31 A . n 
A 1 7  DA  7  7  7  DA  DA  A . n 
A 1 8  DC  8  8  8  DC  DC  A . n 
A 1 9  DG  9  9  9  DG  DG  A . n 
A 1 10 DC  10 10 10 DC  DC  A . n 
B 1 1  DG  1  11 1  DG  DG  B . n 
B 1 2  DC  2  12 2  DC  DC  B . n 
B 1 3  DG  3  13 3  DG  DG  B . n 
B 1 4  DT  4  14 4  DT  DT  B . n 
B 1 5  DA  5  15 5  DA  DA  B . n 
B 1 6  U31 6  16 6  U31 U31 B . n 
B 1 7  DA  7  17 7  DA  DA  B . n 
B 1 8  DC  8  18 8  DC  DC  B . n 
B 1 9  DG  9  19 9  DG  DG  B . n 
B 1 10 DC  10 20 10 DC  DC  B . n 
# 
loop_
_pdbx_nonpoly_scheme.asym_id 
_pdbx_nonpoly_scheme.entity_id 
_pdbx_nonpoly_scheme.mon_id 
_pdbx_nonpoly_scheme.ndb_seq_num 
_pdbx_nonpoly_scheme.pdb_seq_num 
_pdbx_nonpoly_scheme.auth_seq_num 
_pdbx_nonpoly_scheme.pdb_mon_id 
_pdbx_nonpoly_scheme.auth_mon_id 
_pdbx_nonpoly_scheme.pdb_strand_id 
_pdbx_nonpoly_scheme.pdb_ins_code 
C 2 HOH 1  11 1  HOH HOH A . 
C 2 HOH 2  12 2  HOH HOH A . 
C 2 HOH 3  13 3  HOH HOH A . 
C 2 HOH 4  14 4  HOH HOH A . 
C 2 HOH 5  15 5  HOH HOH A . 
C 2 HOH 6  16 6  HOH HOH A . 
C 2 HOH 7  17 7  HOH HOH A . 
C 2 HOH 8  18 8  HOH HOH A . 
C 2 HOH 9  19 9  HOH HOH A . 
C 2 HOH 10 20 10 HOH HOH A . 
C 2 HOH 11 21 11 HOH HOH A . 
C 2 HOH 12 22 12 HOH HOH A . 
C 2 HOH 13 23 13 HOH HOH A . 
C 2 HOH 14 24 14 HOH HOH A . 
C 2 HOH 15 25 15 HOH HOH A . 
C 2 HOH 16 26 16 HOH HOH A . 
C 2 HOH 17 27 17 HOH HOH A . 
C 2 HOH 18 28 18 HOH HOH A . 
C 2 HOH 19 29 19 HOH HOH A . 
C 2 HOH 20 30 20 HOH HOH A . 
C 2 HOH 21 31 21 HOH HOH A . 
C 2 HOH 22 32 22 HOH HOH A . 
C 2 HOH 23 33 23 HOH HOH A . 
C 2 HOH 24 34 24 HOH HOH A . 
C 2 HOH 25 35 25 HOH HOH A . 
C 2 HOH 26 36 26 HOH HOH A . 
C 2 HOH 27 37 27 HOH HOH A . 
C 2 HOH 28 38 28 HOH HOH A . 
C 2 HOH 29 39 29 HOH HOH A . 
C 2 HOH 30 40 30 HOH HOH A . 
C 2 HOH 31 41 31 HOH HOH A . 
C 2 HOH 32 42 32 HOH HOH A . 
C 2 HOH 33 43 33 HOH HOH A . 
C 2 HOH 34 44 34 HOH HOH A . 
C 2 HOH 35 45 35 HOH HOH A . 
C 2 HOH 36 46 36 HOH HOH A . 
C 2 HOH 37 47 37 HOH HOH A . 
C 2 HOH 38 48 38 HOH HOH A . 
C 2 HOH 39 49 39 HOH HOH A . 
C 2 HOH 40 50 40 HOH HOH A . 
C 2 HOH 41 51 41 HOH HOH A . 
C 2 HOH 42 52 42 HOH HOH A . 
C 2 HOH 43 53 43 HOH HOH A . 
C 2 HOH 44 54 44 HOH HOH A . 
C 2 HOH 45 55 45 HOH HOH A . 
C 2 HOH 46 56 46 HOH HOH A . 
C 2 HOH 47 57 47 HOH HOH A . 
C 2 HOH 48 58 48 HOH HOH A . 
C 2 HOH 49 59 49 HOH HOH A . 
C 2 HOH 50 60 50 HOH HOH A . 
C 2 HOH 51 61 51 HOH HOH A . 
C 2 HOH 52 62 52 HOH HOH A . 
C 2 HOH 53 63 53 HOH HOH A . 
C 2 HOH 54 64 54 HOH HOH A . 
C 2 HOH 55 65 55 HOH HOH A . 
C 2 HOH 56 66 56 HOH HOH A . 
C 2 HOH 57 67 57 HOH HOH A . 
C 2 HOH 58 68 58 HOH HOH A . 
C 2 HOH 59 69 59 HOH HOH A . 
C 2 HOH 60 70 60 HOH HOH A . 
C 2 HOH 61 71 61 HOH HOH A . 
C 2 HOH 62 72 62 HOH HOH A . 
C 2 HOH 63 73 63 HOH HOH A . 
C 2 HOH 64 74 64 HOH HOH A . 
C 2 HOH 65 75 65 HOH HOH A . 
C 2 HOH 66 76 66 HOH HOH A . 
C 2 HOH 67 77 67 HOH HOH A . 
D 2 HOH 1  21 1  HOH HOH B . 
D 2 HOH 2  22 2  HOH HOH B . 
D 2 HOH 3  23 3  HOH HOH B . 
D 2 HOH 4  24 4  HOH HOH B . 
D 2 HOH 5  25 5  HOH HOH B . 
D 2 HOH 6  26 6  HOH HOH B . 
D 2 HOH 7  27 7  HOH HOH B . 
D 2 HOH 8  28 8  HOH HOH B . 
D 2 HOH 9  29 9  HOH HOH B . 
D 2 HOH 10 30 10 HOH HOH B . 
D 2 HOH 11 31 11 HOH HOH B . 
D 2 HOH 12 32 12 HOH HOH B . 
D 2 HOH 13 33 13 HOH HOH B . 
D 2 HOH 14 34 14 HOH HOH B . 
D 2 HOH 15 35 15 HOH HOH B . 
D 2 HOH 16 36 16 HOH HOH B . 
D 2 HOH 17 37 17 HOH HOH B . 
D 2 HOH 18 38 18 HOH HOH B . 
D 2 HOH 19 39 19 HOH HOH B . 
D 2 HOH 20 40 20 HOH HOH B . 
D 2 HOH 21 41 21 HOH HOH B . 
D 2 HOH 22 42 22 HOH HOH B . 
D 2 HOH 23 43 23 HOH HOH B . 
D 2 HOH 24 44 24 HOH HOH B . 
D 2 HOH 25 45 25 HOH HOH B . 
D 2 HOH 26 46 26 HOH HOH B . 
D 2 HOH 27 47 27 HOH HOH B . 
D 2 HOH 28 48 28 HOH HOH B . 
D 2 HOH 29 49 29 HOH HOH B . 
D 2 HOH 30 50 30 HOH HOH B . 
D 2 HOH 31 51 31 HOH HOH B . 
D 2 HOH 32 52 32 HOH HOH B . 
D 2 HOH 33 53 33 HOH HOH B . 
D 2 HOH 34 54 34 HOH HOH B . 
D 2 HOH 35 55 35 HOH HOH B . 
D 2 HOH 36 56 36 HOH HOH B . 
D 2 HOH 37 57 37 HOH HOH B . 
D 2 HOH 38 58 38 HOH HOH B . 
D 2 HOH 39 59 39 HOH HOH B . 
D 2 HOH 40 60 40 HOH HOH B . 
D 2 HOH 41 61 41 HOH HOH B . 
D 2 HOH 42 62 42 HOH HOH B . 
D 2 HOH 43 63 43 HOH HOH B . 
D 2 HOH 44 64 44 HOH HOH B . 
D 2 HOH 45 65 45 HOH HOH B . 
D 2 HOH 46 66 46 HOH HOH B . 
D 2 HOH 47 67 47 HOH HOH B . 
D 2 HOH 48 68 48 HOH HOH B . 
D 2 HOH 49 69 49 HOH HOH B . 
D 2 HOH 50 70 50 HOH HOH B . 
D 2 HOH 51 71 51 HOH HOH B . 
D 2 HOH 52 72 52 HOH HOH B . 
D 2 HOH 53 73 53 HOH HOH B . 
D 2 HOH 54 74 54 HOH HOH B . 
D 2 HOH 55 75 55 HOH HOH B . 
D 2 HOH 56 76 56 HOH HOH B . 
D 2 HOH 57 77 57 HOH HOH B . 
D 2 HOH 58 78 58 HOH HOH B . 
D 2 HOH 59 79 59 HOH HOH B . 
D 2 HOH 60 80 60 HOH HOH B . 
D 2 HOH 61 81 61 HOH HOH B . 
D 2 HOH 62 82 62 HOH HOH B . 
D 2 HOH 63 83 63 HOH HOH B . 
D 2 HOH 64 84 64 HOH HOH B . 
D 2 HOH 65 85 65 HOH HOH B . 
D 2 HOH 66 86 66 HOH HOH B . 
D 2 HOH 67 87 67 HOH HOH B . 
D 2 HOH 68 88 68 HOH HOH B . 
D 2 HOH 69 89 69 HOH HOH B . 
D 2 HOH 70 90 70 HOH HOH B . 
D 2 HOH 71 91 71 HOH HOH B . 
D 2 HOH 72 92 72 HOH HOH B . 
D 2 HOH 73 93 73 HOH HOH B . 
D 2 HOH 74 94 74 HOH HOH B . 
D 2 HOH 75 95 75 HOH HOH B . 
D 2 HOH 76 96 76 HOH HOH B . 
D 2 HOH 77 97 77 HOH HOH B . 
D 2 HOH 78 98 78 HOH HOH B . 
# 
loop_
_software.name 
_software.classification 
_software.version 
_software.citation_id 
_software.pdbx_ordinal 
DENZO     'data reduction' . ? 1 
SCALEPACK 'data scaling'   . ? 2 
AMoRE     phasing          . ? 3 
X-PLOR    refinement       . ? 4 
# 
_cell.entry_id           1D9H 
_cell.length_a           25.17 
_cell.length_b           42.77 
_cell.length_c           45.18 
_cell.angle_alpha        90.00 
_cell.angle_beta         90.00 
_cell.angle_gamma        90.00 
_cell.Z_PDB              8 
_cell.pdbx_unique_axis   ? 
_cell.length_a_esd       ? 
_cell.length_b_esd       ? 
_cell.length_c_esd       ? 
_cell.angle_alpha_esd    ? 
_cell.angle_beta_esd     ? 
_cell.angle_gamma_esd    ? 
# 
_symmetry.entry_id                         1D9H 
_symmetry.space_group_name_H-M             'P 21 21 21' 
_symmetry.pdbx_full_space_group_name_H-M   ? 
_symmetry.cell_setting                     orthorhombic 
_symmetry.Int_Tables_number                19 
_symmetry.space_group_name_Hall            ? 
# 
_exptl.entry_id          1D9H 
_exptl.method            'X-RAY DIFFRACTION' 
_exptl.crystals_number   1 
# 
_exptl_crystal.id                    1 
_exptl_crystal.density_meas          ? 
_exptl_crystal.density_percent_sol   34.61 
_exptl_crystal.density_Matthews      1.88 
_exptl_crystal.description           ? 
_exptl_crystal.F_000                 ? 
_exptl_crystal.preparation           ? 
# 
_exptl_crystal_grow.crystal_id      1 
_exptl_crystal_grow.method          'VAPOR DIFFUSION, HANGING DROP' 
_exptl_crystal_grow.temp            295 
_exptl_crystal_grow.temp_details    ? 
_exptl_crystal_grow.pH              7.0 
_exptl_crystal_grow.pdbx_details    
'MPD, POTASSIUN CACODYLATE, KCL, SPERMINE, pH 7.0, VAPOR DIFFUSION, HANGING DROP, temperature 295K' 
_exptl_crystal_grow.pdbx_pH_range   . 
# 
loop_
_exptl_crystal_grow_comp.crystal_id 
_exptl_crystal_grow_comp.id 
_exptl_crystal_grow_comp.sol_id 
_exptl_crystal_grow_comp.name 
_exptl_crystal_grow_comp.volume 
_exptl_crystal_grow_comp.conc 
_exptl_crystal_grow_comp.details 
1 1 1 'POTASSIUN CACODYLATE' ? ? ? 
1 2 1 KCL                    ? ? ? 
1 3 1 SPERMINE               ? ? ? 
1 4 1 MPD                    ? ? ? 
1 5 2 MPD                    ? ? ? 
# 
_diffrn.id                     1 
_diffrn.ambient_temp           120 
_diffrn.ambient_temp_details   ? 
_diffrn.crystal_id             1 
# 
_diffrn_detector.diffrn_id              1 
_diffrn_detector.detector               'IMAGE PLATE' 
_diffrn_detector.type                   'RIGAKU RAXIS IIC' 
_diffrn_detector.pdbx_collection_date   ? 
_diffrn_detector.details                ? 
# 
_diffrn_radiation.diffrn_id                        1 
_diffrn_radiation.wavelength_id                    1 
_diffrn_radiation.pdbx_monochromatic_or_laue_m_l   M 
_diffrn_radiation.monochromator                    ? 
_diffrn_radiation.pdbx_diffrn_protocol             'SINGLE WAVELENGTH' 
_diffrn_radiation.pdbx_scattering_type             x-ray 
# 
_diffrn_radiation_wavelength.id           1 
_diffrn_radiation_wavelength.wavelength   1.5418 
_diffrn_radiation_wavelength.wt           1.0 
# 
_diffrn_source.diffrn_id                   1 
_diffrn_source.source                      'ROTATING ANODE' 
_diffrn_source.type                        'RIGAKU RU200' 
_diffrn_source.pdbx_synchrotron_site       ? 
_diffrn_source.pdbx_synchrotron_beamline   ? 
_diffrn_source.pdbx_wavelength             1.5418 
_diffrn_source.pdbx_wavelength_list        ? 
# 
_reflns.entry_id                     1D9H 
_reflns.observed_criterion_sigma_I   ? 
_reflns.observed_criterion_sigma_F   ? 
_reflns.d_resolution_low             30.0 
_reflns.d_resolution_high            1.60 
_reflns.number_obs                   6444 
_reflns.number_all                   6444 
_reflns.percent_possible_obs         94.8 
_reflns.pdbx_Rmerge_I_obs            0.086 
_reflns.pdbx_Rsym_value              ? 
_reflns.pdbx_netI_over_sigmaI        ? 
_reflns.B_iso_Wilson_estimate        ? 
_reflns.pdbx_redundancy              ? 
_reflns.R_free_details               ? 
_reflns.pdbx_chi_squared             ? 
_reflns.pdbx_scaling_rejects         ? 
_reflns.pdbx_diffrn_id               1 
_reflns.pdbx_ordinal                 1 
# 
_refine.entry_id                                 1D9H 
_refine.ls_number_reflns_obs                     6234 
_refine.ls_number_reflns_all                     ? 
_refine.pdbx_ls_sigma_I                          ? 
_refine.pdbx_ls_sigma_F                          2.0 
_refine.pdbx_data_cutoff_high_absF               ? 
_refine.pdbx_data_cutoff_low_absF                ? 
_refine.pdbx_data_cutoff_high_rms_absF           ? 
_refine.ls_d_res_low                             8.0 
_refine.ls_d_res_high                            1.60 
_refine.ls_percent_reflns_obs                    ? 
_refine.ls_R_factor_obs                          0.187 
_refine.ls_R_factor_all                          ? 
_refine.ls_R_factor_R_work                       0.187 
_refine.ls_R_factor_R_free                       0.243 
_refine.ls_R_factor_R_free_error                 ? 
_refine.ls_R_factor_R_free_error_details         ? 
_refine.ls_percent_reflns_R_free                 ? 
_refine.ls_number_reflns_R_free                  ? 
_refine.ls_number_parameters                     ? 
_refine.ls_number_restraints                     ? 
_refine.occupancy_min                            ? 
_refine.occupancy_max                            ? 
_refine.B_iso_mean                               ? 
_refine.aniso_B[1][1]                            ? 
_refine.aniso_B[2][2]                            ? 
_refine.aniso_B[3][3]                            ? 
_refine.aniso_B[1][2]                            ? 
_refine.aniso_B[1][3]                            ? 
_refine.aniso_B[2][3]                            ? 
_refine.solvent_model_details                    ? 
_refine.solvent_model_param_ksol                 ? 
_refine.solvent_model_param_bsol                 ? 
_refine.pdbx_ls_cross_valid_method               THROUGHOUT 
_refine.details                                  ? 
_refine.pdbx_starting_model                      ? 
_refine.pdbx_method_to_determine_struct          ? 
_refine.pdbx_isotropic_thermal_model             ? 
_refine.pdbx_stereochemistry_target_values       ? 
_refine.pdbx_stereochem_target_val_spec_case     ? 
_refine.pdbx_R_Free_selection_details            RANDOM 
_refine.pdbx_overall_ESU_R                       ? 
_refine.pdbx_overall_ESU_R_Free                  ? 
_refine.overall_SU_ML                            ? 
_refine.overall_SU_B                             ? 
_refine.ls_redundancy_reflns_obs                 ? 
_refine.correlation_coeff_Fo_to_Fc               ? 
_refine.correlation_coeff_Fo_to_Fc_free          ? 
_refine.overall_SU_R_Cruickshank_DPI             ? 
_refine.overall_SU_R_free                        ? 
_refine.pdbx_solvent_vdw_probe_radii             ? 
_refine.pdbx_solvent_ion_probe_radii             ? 
_refine.pdbx_solvent_shrinkage_radii             ? 
_refine.ls_wR_factor_R_free                      ? 
_refine.ls_wR_factor_R_work                      ? 
_refine.overall_FOM_free_R_set                   ? 
_refine.overall_FOM_work_R_set                   ? 
_refine.pdbx_overall_phase_error                 ? 
_refine.pdbx_refine_id                           'X-RAY DIFFRACTION' 
_refine.pdbx_diffrn_id                           1 
_refine.pdbx_TLS_residual_ADP_flag               ? 
_refine.pdbx_overall_SU_R_free_Cruickshank_DPI   ? 
_refine.pdbx_overall_SU_R_Blow_DPI               ? 
_refine.pdbx_overall_SU_R_free_Blow_DPI          ? 
# 
_refine_hist.pdbx_refine_id                   'X-RAY DIFFRACTION' 
_refine_hist.cycle_id                         LAST 
_refine_hist.pdbx_number_atoms_protein        0 
_refine_hist.pdbx_number_atoms_nucleic_acid   458 
_refine_hist.pdbx_number_atoms_ligand         8 
_refine_hist.number_atoms_solvent             435 
_refine_hist.number_atoms_total               901 
_refine_hist.d_res_high                       1.60 
_refine_hist.d_res_low                        8.0 
# 
loop_
_refine_ls_restr.type 
_refine_ls_restr.dev_ideal 
_refine_ls_restr.dev_ideal_target 
_refine_ls_restr.weight 
_refine_ls_restr.number 
_refine_ls_restr.pdbx_refine_id 
_refine_ls_restr.pdbx_restraint_function 
x_bond_d                0.007 ? ? ? 'X-RAY DIFFRACTION' ? 
x_bond_d_na             ?     ? ? ? 'X-RAY DIFFRACTION' ? 
x_bond_d_prot           ?     ? ? ? 'X-RAY DIFFRACTION' ? 
x_angle_d               ?     ? ? ? 'X-RAY DIFFRACTION' ? 
x_angle_d_na            ?     ? ? ? 'X-RAY DIFFRACTION' ? 
x_angle_d_prot          ?     ? ? ? 'X-RAY DIFFRACTION' ? 
x_angle_deg             1.07  ? ? ? 'X-RAY DIFFRACTION' ? 
x_angle_deg_na          ?     ? ? ? 'X-RAY DIFFRACTION' ? 
x_angle_deg_prot        ?     ? ? ? 'X-RAY DIFFRACTION' ? 
x_dihedral_angle_d      ?     ? ? ? 'X-RAY DIFFRACTION' ? 
x_dihedral_angle_d_na   ?     ? ? ? 'X-RAY DIFFRACTION' ? 
x_dihedral_angle_d_prot ?     ? ? ? 'X-RAY DIFFRACTION' ? 
x_improper_angle_d      ?     ? ? ? 'X-RAY DIFFRACTION' ? 
x_improper_angle_d_na   ?     ? ? ? 'X-RAY DIFFRACTION' ? 
x_improper_angle_d_prot ?     ? ? ? 'X-RAY DIFFRACTION' ? 
x_mcbond_it             ?     ? ? ? 'X-RAY DIFFRACTION' ? 
x_mcangle_it            ?     ? ? ? 'X-RAY DIFFRACTION' ? 
x_scbond_it             ?     ? ? ? 'X-RAY DIFFRACTION' ? 
x_scangle_it            ?     ? ? ? 'X-RAY DIFFRACTION' ? 
# 
_struct.entry_id                  1D9H 
_struct.title                     'Structural origins of the exonuclease resistance of a zwitterionic RNA' 
_struct.pdbx_model_details        ? 
_struct.pdbx_CASP_flag            ? 
_struct.pdbx_model_type_details   ? 
# 
_struct_keywords.entry_id        1D9H 
_struct_keywords.pdbx_keywords   'DNA, RNA' 
_struct_keywords.text            'EXONUCLEASE RESISTANCE, A-DNA, DNA, RNA' 
# 
loop_
_struct_asym.id 
_struct_asym.pdbx_blank_PDB_chainid_flag 
_struct_asym.pdbx_modified 
_struct_asym.entity_id 
_struct_asym.details 
A N N 1 ? 
B N N 1 ? 
C N N 2 ? 
D N N 2 ? 
# 
_struct_ref.id                         1 
_struct_ref.db_code                    1D9H 
_struct_ref.db_name                    PDB 
_struct_ref.entity_id                  1 
_struct_ref.pdbx_db_accession          1D9H 
_struct_ref.pdbx_align_begin           1 
_struct_ref.pdbx_seq_one_letter_code   ? 
_struct_ref.pdbx_db_isoform            ? 
# 
loop_
_struct_ref_seq.align_id 
_struct_ref_seq.ref_id 
_struct_ref_seq.pdbx_PDB_id_code 
_struct_ref_seq.pdbx_strand_id 
_struct_ref_seq.seq_align_beg 
_struct_ref_seq.pdbx_seq_align_beg_ins_code 
_struct_ref_seq.seq_align_end 
_struct_ref_seq.pdbx_seq_align_end_ins_code 
_struct_ref_seq.pdbx_db_accession 
_struct_ref_seq.db_align_beg 
_struct_ref_seq.pdbx_db_align_beg_ins_code 
_struct_ref_seq.db_align_end 
_struct_ref_seq.pdbx_db_align_end_ins_code 
_struct_ref_seq.pdbx_auth_seq_align_beg 
_struct_ref_seq.pdbx_auth_seq_align_end 
1 1 1D9H A 1 ? 10 ? 1D9H 1  ? 10 ? 1  10 
2 1 1D9H B 1 ? 10 ? 1D9H 11 ? 20 ? 11 20 
# 
_pdbx_struct_assembly.id                   1 
_pdbx_struct_assembly.details              author_defined_assembly 
_pdbx_struct_assembly.method_details       ? 
_pdbx_struct_assembly.oligomeric_details   dimeric 
_pdbx_struct_assembly.oligomeric_count     2 
# 
_pdbx_struct_assembly_gen.assembly_id       1 
_pdbx_struct_assembly_gen.oper_expression   1 
_pdbx_struct_assembly_gen.asym_id_list      A,B,C,D 
# 
_pdbx_struct_oper_list.id                   1 
_pdbx_struct_oper_list.type                 'identity operation' 
_pdbx_struct_oper_list.name                 1_555 
_pdbx_struct_oper_list.symmetry_operation   x,y,z 
_pdbx_struct_oper_list.matrix[1][1]         1.0000000000 
_pdbx_struct_oper_list.matrix[1][2]         0.0000000000 
_pdbx_struct_oper_list.matrix[1][3]         0.0000000000 
_pdbx_struct_oper_list.vector[1]            0.0000000000 
_pdbx_struct_oper_list.matrix[2][1]         0.0000000000 
_pdbx_struct_oper_list.matrix[2][2]         1.0000000000 
_pdbx_struct_oper_list.matrix[2][3]         0.0000000000 
_pdbx_struct_oper_list.vector[2]            0.0000000000 
_pdbx_struct_oper_list.matrix[3][1]         0.0000000000 
_pdbx_struct_oper_list.matrix[3][2]         0.0000000000 
_pdbx_struct_oper_list.matrix[3][3]         1.0000000000 
_pdbx_struct_oper_list.vector[3]            0.0000000000 
# 
_struct_biol.id        1 
_struct_biol.details   ? 
# 
loop_
_struct_conn.id 
_struct_conn.conn_type_id 
_struct_conn.pdbx_leaving_atom_flag 
_struct_conn.pdbx_PDB_id 
_struct_conn.ptnr1_label_asym_id 
_struct_conn.ptnr1_label_comp_id 
_struct_conn.ptnr1_label_seq_id 
_struct_conn.ptnr1_label_atom_id 
_struct_conn.pdbx_ptnr1_label_alt_id 
_struct_conn.pdbx_ptnr1_PDB_ins_code 
_struct_conn.pdbx_ptnr1_standard_comp_id 
_struct_conn.ptnr1_symmetry 
_struct_conn.ptnr2_label_asym_id 
_struct_conn.ptnr2_label_comp_id 
_struct_conn.ptnr2_label_seq_id 
_struct_conn.ptnr2_label_atom_id 
_struct_conn.pdbx_ptnr2_label_alt_id 
_struct_conn.pdbx_ptnr2_PDB_ins_code 
_struct_conn.ptnr1_auth_asym_id 
_struct_conn.ptnr1_auth_comp_id 
_struct_conn.ptnr1_auth_seq_id 
_struct_conn.ptnr2_auth_asym_id 
_struct_conn.ptnr2_auth_comp_id 
_struct_conn.ptnr2_auth_seq_id 
_struct_conn.ptnr2_symmetry 
_struct_conn.pdbx_ptnr3_label_atom_id 
_struct_conn.pdbx_ptnr3_label_seq_id 
_struct_conn.pdbx_ptnr3_label_comp_id 
_struct_conn.pdbx_ptnr3_label_asym_id 
_struct_conn.pdbx_ptnr3_label_alt_id 
_struct_conn.pdbx_ptnr3_PDB_ins_code 
_struct_conn.details 
_struct_conn.pdbx_dist_value 
_struct_conn.pdbx_value_order 
_struct_conn.pdbx_role 
covale1  covale both ? A DA  5  "O3'" ? ? ? 1_555 A U31 6  P  ? ? A DA  5  A U31 6  1_555 ? ? ? ? ? ? ?            1.599 ? ? 
covale2  covale one  ? A U31 6  "O3'" ? ? ? 1_555 A DA  7  P  ? ? A U31 6  A DA  7  1_555 ? ? ? ? ? ? ?            1.601 ? ? 
covale3  covale both ? B DA  5  "O3'" ? ? ? 1_555 B U31 6  P  ? ? B DA  15 B U31 16 1_555 ? ? ? ? ? ? ?            1.601 ? ? 
covale4  covale one  ? B U31 6  "O3'" ? ? ? 1_555 B DA  7  P  ? ? B U31 16 B DA  17 1_555 ? ? ? ? ? ? ?            1.603 ? ? 
hydrog1  hydrog ?    ? A DG  1  N1    ? ? ? 1_555 B DC  10 N3 ? ? A DG  1  B DC  20 1_555 ? ? ? ? ? ? WATSON-CRICK ?     ? ? 
hydrog2  hydrog ?    ? A DG  1  N2    ? ? ? 1_555 B DC  10 O2 ? ? A DG  1  B DC  20 1_555 ? ? ? ? ? ? WATSON-CRICK ?     ? ? 
hydrog3  hydrog ?    ? A DG  1  O6    ? ? ? 1_555 B DC  10 N4 ? ? A DG  1  B DC  20 1_555 ? ? ? ? ? ? WATSON-CRICK ?     ? ? 
hydrog4  hydrog ?    ? A DC  2  N3    ? ? ? 1_555 B DG  9  N1 ? ? A DC  2  B DG  19 1_555 ? ? ? ? ? ? WATSON-CRICK ?     ? ? 
hydrog5  hydrog ?    ? A DC  2  N4    ? ? ? 1_555 B DG  9  O6 ? ? A DC  2  B DG  19 1_555 ? ? ? ? ? ? WATSON-CRICK ?     ? ? 
hydrog6  hydrog ?    ? A DC  2  O2    ? ? ? 1_555 B DG  9  N2 ? ? A DC  2  B DG  19 1_555 ? ? ? ? ? ? WATSON-CRICK ?     ? ? 
hydrog7  hydrog ?    ? A DG  3  N1    ? ? ? 1_555 B DC  8  N3 ? ? A DG  3  B DC  18 1_555 ? ? ? ? ? ? WATSON-CRICK ?     ? ? 
hydrog8  hydrog ?    ? A DG  3  N2    ? ? ? 1_555 B DC  8  O2 ? ? A DG  3  B DC  18 1_555 ? ? ? ? ? ? WATSON-CRICK ?     ? ? 
hydrog9  hydrog ?    ? A DG  3  O6    ? ? ? 1_555 B DC  8  N4 ? ? A DG  3  B DC  18 1_555 ? ? ? ? ? ? WATSON-CRICK ?     ? ? 
hydrog10 hydrog ?    ? A DT  4  N3    ? ? ? 1_555 B DA  7  N1 ? ? A DT  4  B DA  17 1_555 ? ? ? ? ? ? WATSON-CRICK ?     ? ? 
hydrog11 hydrog ?    ? A DT  4  O4    ? ? ? 1_555 B DA  7  N6 ? ? A DT  4  B DA  17 1_555 ? ? ? ? ? ? WATSON-CRICK ?     ? ? 
hydrog12 hydrog ?    ? A DA  5  N1    ? ? ? 1_555 B U31 6  N3 ? ? A DA  5  B U31 16 1_555 ? ? ? ? ? ? WATSON-CRICK ?     ? ? 
hydrog13 hydrog ?    ? A DA  5  N6    ? ? ? 1_555 B U31 6  O4 ? ? A DA  5  B U31 16 1_555 ? ? ? ? ? ? WATSON-CRICK ?     ? ? 
hydrog14 hydrog ?    ? A U31 6  N3    ? ? ? 1_555 B DA  5  N1 ? ? A U31 6  B DA  15 1_555 ? ? ? ? ? ? WATSON-CRICK ?     ? ? 
hydrog15 hydrog ?    ? A U31 6  O4    ? ? ? 1_555 B DA  5  N6 ? ? A U31 6  B DA  15 1_555 ? ? ? ? ? ? WATSON-CRICK ?     ? ? 
hydrog16 hydrog ?    ? A DA  7  N1    ? ? ? 1_555 B DT  4  N3 ? ? A DA  7  B DT  14 1_555 ? ? ? ? ? ? WATSON-CRICK ?     ? ? 
hydrog17 hydrog ?    ? A DA  7  N6    ? ? ? 1_555 B DT  4  O4 ? ? A DA  7  B DT  14 1_555 ? ? ? ? ? ? WATSON-CRICK ?     ? ? 
hydrog18 hydrog ?    ? A DC  8  N3    ? ? ? 1_555 B DG  3  N1 ? ? A DC  8  B DG  13 1_555 ? ? ? ? ? ? WATSON-CRICK ?     ? ? 
hydrog19 hydrog ?    ? A DC  8  N4    ? ? ? 1_555 B DG  3  O6 ? ? A DC  8  B DG  13 1_555 ? ? ? ? ? ? WATSON-CRICK ?     ? ? 
hydrog20 hydrog ?    ? A DC  8  O2    ? ? ? 1_555 B DG  3  N2 ? ? A DC  8  B DG  13 1_555 ? ? ? ? ? ? WATSON-CRICK ?     ? ? 
hydrog21 hydrog ?    ? A DG  9  N1    ? ? ? 1_555 B DC  2  N3 ? ? A DG  9  B DC  12 1_555 ? ? ? ? ? ? WATSON-CRICK ?     ? ? 
hydrog22 hydrog ?    ? A DG  9  N2    ? ? ? 1_555 B DC  2  O2 ? ? A DG  9  B DC  12 1_555 ? ? ? ? ? ? WATSON-CRICK ?     ? ? 
hydrog23 hydrog ?    ? A DG  9  O6    ? ? ? 1_555 B DC  2  N4 ? ? A DG  9  B DC  12 1_555 ? ? ? ? ? ? WATSON-CRICK ?     ? ? 
hydrog24 hydrog ?    ? A DC  10 N3    ? ? ? 1_555 B DG  1  N1 ? ? A DC  10 B DG  11 1_555 ? ? ? ? ? ? WATSON-CRICK ?     ? ? 
hydrog25 hydrog ?    ? A DC  10 N4    ? ? ? 1_555 B DG  1  O6 ? ? A DC  10 B DG  11 1_555 ? ? ? ? ? ? WATSON-CRICK ?     ? ? 
hydrog26 hydrog ?    ? A DC  10 O2    ? ? ? 1_555 B DG  1  N2 ? ? A DC  10 B DG  11 1_555 ? ? ? ? ? ? WATSON-CRICK ?     ? ? 
# 
loop_
_struct_conn_type.id 
_struct_conn_type.criteria 
_struct_conn_type.reference 
covale ? ? 
hydrog ? ? 
# 
_pdbx_validate_close_contact.id               1 
_pdbx_validate_close_contact.PDB_model_num    1 
_pdbx_validate_close_contact.auth_atom_id_1   O 
_pdbx_validate_close_contact.auth_asym_id_1   A 
_pdbx_validate_close_contact.auth_comp_id_1   HOH 
_pdbx_validate_close_contact.auth_seq_id_1    49 
_pdbx_validate_close_contact.PDB_ins_code_1   ? 
_pdbx_validate_close_contact.label_alt_id_1   ? 
_pdbx_validate_close_contact.auth_atom_id_2   O 
_pdbx_validate_close_contact.auth_asym_id_2   A 
_pdbx_validate_close_contact.auth_comp_id_2   HOH 
_pdbx_validate_close_contact.auth_seq_id_2    59 
_pdbx_validate_close_contact.PDB_ins_code_2   ? 
_pdbx_validate_close_contact.label_alt_id_2   ? 
_pdbx_validate_close_contact.dist             1.82 
# 
loop_
_pdbx_struct_mod_residue.id 
_pdbx_struct_mod_residue.label_asym_id 
_pdbx_struct_mod_residue.label_comp_id 
_pdbx_struct_mod_residue.label_seq_id 
_pdbx_struct_mod_residue.auth_asym_id 
_pdbx_struct_mod_residue.auth_comp_id 
_pdbx_struct_mod_residue.auth_seq_id 
_pdbx_struct_mod_residue.PDB_ins_code 
_pdbx_struct_mod_residue.parent_comp_id 
_pdbx_struct_mod_residue.details 
1 A U31 6 A U31 6  ? U ? 
2 B U31 6 B U31 16 ? U ? 
# 
loop_
_chem_comp_atom.comp_id 
_chem_comp_atom.atom_id 
_chem_comp_atom.type_symbol 
_chem_comp_atom.pdbx_aromatic_flag 
_chem_comp_atom.pdbx_stereo_config 
_chem_comp_atom.pdbx_ordinal 
DA  OP3    O N N 1   
DA  P      P N N 2   
DA  OP1    O N N 3   
DA  OP2    O N N 4   
DA  "O5'"  O N N 5   
DA  "C5'"  C N N 6   
DA  "C4'"  C N R 7   
DA  "O4'"  O N N 8   
DA  "C3'"  C N S 9   
DA  "O3'"  O N N 10  
DA  "C2'"  C N N 11  
DA  "C1'"  C N R 12  
DA  N9     N Y N 13  
DA  C8     C Y N 14  
DA  N7     N Y N 15  
DA  C5     C Y N 16  
DA  C6     C Y N 17  
DA  N6     N N N 18  
DA  N1     N Y N 19  
DA  C2     C Y N 20  
DA  N3     N Y N 21  
DA  C4     C Y N 22  
DA  HOP3   H N N 23  
DA  HOP2   H N N 24  
DA  "H5'"  H N N 25  
DA  "H5''" H N N 26  
DA  "H4'"  H N N 27  
DA  "H3'"  H N N 28  
DA  "HO3'" H N N 29  
DA  "H2'"  H N N 30  
DA  "H2''" H N N 31  
DA  "H1'"  H N N 32  
DA  H8     H N N 33  
DA  H61    H N N 34  
DA  H62    H N N 35  
DA  H2     H N N 36  
DC  OP3    O N N 37  
DC  P      P N N 38  
DC  OP1    O N N 39  
DC  OP2    O N N 40  
DC  "O5'"  O N N 41  
DC  "C5'"  C N N 42  
DC  "C4'"  C N R 43  
DC  "O4'"  O N N 44  
DC  "C3'"  C N S 45  
DC  "O3'"  O N N 46  
DC  "C2'"  C N N 47  
DC  "C1'"  C N R 48  
DC  N1     N N N 49  
DC  C2     C N N 50  
DC  O2     O N N 51  
DC  N3     N N N 52  
DC  C4     C N N 53  
DC  N4     N N N 54  
DC  C5     C N N 55  
DC  C6     C N N 56  
DC  HOP3   H N N 57  
DC  HOP2   H N N 58  
DC  "H5'"  H N N 59  
DC  "H5''" H N N 60  
DC  "H4'"  H N N 61  
DC  "H3'"  H N N 62  
DC  "HO3'" H N N 63  
DC  "H2'"  H N N 64  
DC  "H2''" H N N 65  
DC  "H1'"  H N N 66  
DC  H41    H N N 67  
DC  H42    H N N 68  
DC  H5     H N N 69  
DC  H6     H N N 70  
DG  OP3    O N N 71  
DG  P      P N N 72  
DG  OP1    O N N 73  
DG  OP2    O N N 74  
DG  "O5'"  O N N 75  
DG  "C5'"  C N N 76  
DG  "C4'"  C N R 77  
DG  "O4'"  O N N 78  
DG  "C3'"  C N S 79  
DG  "O3'"  O N N 80  
DG  "C2'"  C N N 81  
DG  "C1'"  C N R 82  
DG  N9     N Y N 83  
DG  C8     C Y N 84  
DG  N7     N Y N 85  
DG  C5     C Y N 86  
DG  C6     C N N 87  
DG  O6     O N N 88  
DG  N1     N N N 89  
DG  C2     C N N 90  
DG  N2     N N N 91  
DG  N3     N N N 92  
DG  C4     C Y N 93  
DG  HOP3   H N N 94  
DG  HOP2   H N N 95  
DG  "H5'"  H N N 96  
DG  "H5''" H N N 97  
DG  "H4'"  H N N 98  
DG  "H3'"  H N N 99  
DG  "HO3'" H N N 100 
DG  "H2'"  H N N 101 
DG  "H2''" H N N 102 
DG  "H1'"  H N N 103 
DG  H8     H N N 104 
DG  H1     H N N 105 
DG  H21    H N N 106 
DG  H22    H N N 107 
DT  OP3    O N N 108 
DT  P      P N N 109 
DT  OP1    O N N 110 
DT  OP2    O N N 111 
DT  "O5'"  O N N 112 
DT  "C5'"  C N N 113 
DT  "C4'"  C N R 114 
DT  "O4'"  O N N 115 
DT  "C3'"  C N S 116 
DT  "O3'"  O N N 117 
DT  "C2'"  C N N 118 
DT  "C1'"  C N R 119 
DT  N1     N N N 120 
DT  C2     C N N 121 
DT  O2     O N N 122 
DT  N3     N N N 123 
DT  C4     C N N 124 
DT  O4     O N N 125 
DT  C5     C N N 126 
DT  C7     C N N 127 
DT  C6     C N N 128 
DT  HOP3   H N N 129 
DT  HOP2   H N N 130 
DT  "H5'"  H N N 131 
DT  "H5''" H N N 132 
DT  "H4'"  H N N 133 
DT  "H3'"  H N N 134 
DT  "HO3'" H N N 135 
DT  "H2'"  H N N 136 
DT  "H2''" H N N 137 
DT  "H1'"  H N N 138 
DT  H3     H N N 139 
DT  H71    H N N 140 
DT  H72    H N N 141 
DT  H73    H N N 142 
DT  H6     H N N 143 
HOH O      O N N 144 
HOH H1     H N N 145 
HOH H2     H N N 146 
U31 P      P N N 147 
U31 O1P    O N N 148 
U31 O2P    O N N 149 
U31 O3P    O N N 150 
U31 "O5'"  O N N 151 
U31 "C5'"  C N N 152 
U31 "C4'"  C N R 153 
U31 "O4'"  O N N 154 
U31 "C3'"  C N R 155 
U31 "O3'"  O N N 156 
U31 "C2'"  C N R 157 
U31 "O2'"  O N N 158 
U31 "C1'"  C N R 159 
U31 N1     N N N 160 
U31 C2     C N N 161 
U31 O2     O N N 162 
U31 N3     N N N 163 
U31 C4     C N N 164 
U31 O4     O N N 165 
U31 C5     C N N 166 
U31 C6     C N N 167 
U31 "CA'"  C N N 168 
U31 "CB'"  C N N 169 
U31 CC     C N N 170 
U31 "ND'"  N N N 171 
U31 H1P    H N N 172 
U31 H3P    H N N 173 
U31 "H5'1" H N N 174 
U31 "H5'2" H N N 175 
U31 "H4'"  H N N 176 
U31 "H3'"  H N N 177 
U31 HA     H N N 178 
U31 "H2'"  H N N 179 
U31 "H1'"  H N N 180 
U31 H3     H N N 181 
U31 H5     H N N 182 
U31 H6     H N N 183 
U31 "HA'1" H N N 184 
U31 "HA'2" H N N 185 
U31 "HB'1" H N N 186 
U31 "HB'2" H N N 187 
U31 HCC1   H N N 188 
U31 HCC2   H N N 189 
U31 "HD'1" H N N 190 
U31 "HD'2" H N N 191 
# 
loop_
_chem_comp_bond.comp_id 
_chem_comp_bond.atom_id_1 
_chem_comp_bond.atom_id_2 
_chem_comp_bond.value_order 
_chem_comp_bond.pdbx_aromatic_flag 
_chem_comp_bond.pdbx_stereo_config 
_chem_comp_bond.pdbx_ordinal 
DA  OP3   P      sing N N 1   
DA  OP3   HOP3   sing N N 2   
DA  P     OP1    doub N N 3   
DA  P     OP2    sing N N 4   
DA  P     "O5'"  sing N N 5   
DA  OP2   HOP2   sing N N 6   
DA  "O5'" "C5'"  sing N N 7   
DA  "C5'" "C4'"  sing N N 8   
DA  "C5'" "H5'"  sing N N 9   
DA  "C5'" "H5''" sing N N 10  
DA  "C4'" "O4'"  sing N N 11  
DA  "C4'" "C3'"  sing N N 12  
DA  "C4'" "H4'"  sing N N 13  
DA  "O4'" "C1'"  sing N N 14  
DA  "C3'" "O3'"  sing N N 15  
DA  "C3'" "C2'"  sing N N 16  
DA  "C3'" "H3'"  sing N N 17  
DA  "O3'" "HO3'" sing N N 18  
DA  "C2'" "C1'"  sing N N 19  
DA  "C2'" "H2'"  sing N N 20  
DA  "C2'" "H2''" sing N N 21  
DA  "C1'" N9     sing N N 22  
DA  "C1'" "H1'"  sing N N 23  
DA  N9    C8     sing Y N 24  
DA  N9    C4     sing Y N 25  
DA  C8    N7     doub Y N 26  
DA  C8    H8     sing N N 27  
DA  N7    C5     sing Y N 28  
DA  C5    C6     sing Y N 29  
DA  C5    C4     doub Y N 30  
DA  C6    N6     sing N N 31  
DA  C6    N1     doub Y N 32  
DA  N6    H61    sing N N 33  
DA  N6    H62    sing N N 34  
DA  N1    C2     sing Y N 35  
DA  C2    N3     doub Y N 36  
DA  C2    H2     sing N N 37  
DA  N3    C4     sing Y N 38  
DC  OP3   P      sing N N 39  
DC  OP3   HOP3   sing N N 40  
DC  P     OP1    doub N N 41  
DC  P     OP2    sing N N 42  
DC  P     "O5'"  sing N N 43  
DC  OP2   HOP2   sing N N 44  
DC  "O5'" "C5'"  sing N N 45  
DC  "C5'" "C4'"  sing N N 46  
DC  "C5'" "H5'"  sing N N 47  
DC  "C5'" "H5''" sing N N 48  
DC  "C4'" "O4'"  sing N N 49  
DC  "C4'" "C3'"  sing N N 50  
DC  "C4'" "H4'"  sing N N 51  
DC  "O4'" "C1'"  sing N N 52  
DC  "C3'" "O3'"  sing N N 53  
DC  "C3'" "C2'"  sing N N 54  
DC  "C3'" "H3'"  sing N N 55  
DC  "O3'" "HO3'" sing N N 56  
DC  "C2'" "C1'"  sing N N 57  
DC  "C2'" "H2'"  sing N N 58  
DC  "C2'" "H2''" sing N N 59  
DC  "C1'" N1     sing N N 60  
DC  "C1'" "H1'"  sing N N 61  
DC  N1    C2     sing N N 62  
DC  N1    C6     sing N N 63  
DC  C2    O2     doub N N 64  
DC  C2    N3     sing N N 65  
DC  N3    C4     doub N N 66  
DC  C4    N4     sing N N 67  
DC  C4    C5     sing N N 68  
DC  N4    H41    sing N N 69  
DC  N4    H42    sing N N 70  
DC  C5    C6     doub N N 71  
DC  C5    H5     sing N N 72  
DC  C6    H6     sing N N 73  
DG  OP3   P      sing N N 74  
DG  OP3   HOP3   sing N N 75  
DG  P     OP1    doub N N 76  
DG  P     OP2    sing N N 77  
DG  P     "O5'"  sing N N 78  
DG  OP2   HOP2   sing N N 79  
DG  "O5'" "C5'"  sing N N 80  
DG  "C5'" "C4'"  sing N N 81  
DG  "C5'" "H5'"  sing N N 82  
DG  "C5'" "H5''" sing N N 83  
DG  "C4'" "O4'"  sing N N 84  
DG  "C4'" "C3'"  sing N N 85  
DG  "C4'" "H4'"  sing N N 86  
DG  "O4'" "C1'"  sing N N 87  
DG  "C3'" "O3'"  sing N N 88  
DG  "C3'" "C2'"  sing N N 89  
DG  "C3'" "H3'"  sing N N 90  
DG  "O3'" "HO3'" sing N N 91  
DG  "C2'" "C1'"  sing N N 92  
DG  "C2'" "H2'"  sing N N 93  
DG  "C2'" "H2''" sing N N 94  
DG  "C1'" N9     sing N N 95  
DG  "C1'" "H1'"  sing N N 96  
DG  N9    C8     sing Y N 97  
DG  N9    C4     sing Y N 98  
DG  C8    N7     doub Y N 99  
DG  C8    H8     sing N N 100 
DG  N7    C5     sing Y N 101 
DG  C5    C6     sing N N 102 
DG  C5    C4     doub Y N 103 
DG  C6    O6     doub N N 104 
DG  C6    N1     sing N N 105 
DG  N1    C2     sing N N 106 
DG  N1    H1     sing N N 107 
DG  C2    N2     sing N N 108 
DG  C2    N3     doub N N 109 
DG  N2    H21    sing N N 110 
DG  N2    H22    sing N N 111 
DG  N3    C4     sing N N 112 
DT  OP3   P      sing N N 113 
DT  OP3   HOP3   sing N N 114 
DT  P     OP1    doub N N 115 
DT  P     OP2    sing N N 116 
DT  P     "O5'"  sing N N 117 
DT  OP2   HOP2   sing N N 118 
DT  "O5'" "C5'"  sing N N 119 
DT  "C5'" "C4'"  sing N N 120 
DT  "C5'" "H5'"  sing N N 121 
DT  "C5'" "H5''" sing N N 122 
DT  "C4'" "O4'"  sing N N 123 
DT  "C4'" "C3'"  sing N N 124 
DT  "C4'" "H4'"  sing N N 125 
DT  "O4'" "C1'"  sing N N 126 
DT  "C3'" "O3'"  sing N N 127 
DT  "C3'" "C2'"  sing N N 128 
DT  "C3'" "H3'"  sing N N 129 
DT  "O3'" "HO3'" sing N N 130 
DT  "C2'" "C1'"  sing N N 131 
DT  "C2'" "H2'"  sing N N 132 
DT  "C2'" "H2''" sing N N 133 
DT  "C1'" N1     sing N N 134 
DT  "C1'" "H1'"  sing N N 135 
DT  N1    C2     sing N N 136 
DT  N1    C6     sing N N 137 
DT  C2    O2     doub N N 138 
DT  C2    N3     sing N N 139 
DT  N3    C4     sing N N 140 
DT  N3    H3     sing N N 141 
DT  C4    O4     doub N N 142 
DT  C4    C5     sing N N 143 
DT  C5    C7     sing N N 144 
DT  C5    C6     doub N N 145 
DT  C7    H71    sing N N 146 
DT  C7    H72    sing N N 147 
DT  C7    H73    sing N N 148 
DT  C6    H6     sing N N 149 
HOH O     H1     sing N N 150 
HOH O     H2     sing N N 151 
U31 P     O1P    sing N N 152 
U31 P     O2P    doub N N 153 
U31 P     O3P    sing N N 154 
U31 P     "O5'"  sing N N 155 
U31 O1P   H1P    sing N N 156 
U31 O3P   H3P    sing N N 157 
U31 "O5'" "C5'"  sing N N 158 
U31 "C5'" "C4'"  sing N N 159 
U31 "C5'" "H5'1" sing N N 160 
U31 "C5'" "H5'2" sing N N 161 
U31 "C4'" "O4'"  sing N N 162 
U31 "C4'" "C3'"  sing N N 163 
U31 "C4'" "H4'"  sing N N 164 
U31 "O4'" "C1'"  sing N N 165 
U31 "C3'" "O3'"  sing N N 166 
U31 "C3'" "C2'"  sing N N 167 
U31 "C3'" "H3'"  sing N N 168 
U31 "O3'" HA     sing N N 169 
U31 "C2'" "O2'"  sing N N 170 
U31 "C2'" "C1'"  sing N N 171 
U31 "C2'" "H2'"  sing N N 172 
U31 "O2'" "CA'"  sing N N 173 
U31 "C1'" N1     sing N N 174 
U31 "C1'" "H1'"  sing N N 175 
U31 N1    C2     sing N N 176 
U31 N1    C6     sing N N 177 
U31 C2    O2     doub N N 178 
U31 C2    N3     sing N N 179 
U31 N3    C4     sing N N 180 
U31 N3    H3     sing N N 181 
U31 C4    O4     doub N N 182 
U31 C4    C5     sing N N 183 
U31 C5    C6     doub N N 184 
U31 C5    H5     sing N N 185 
U31 C6    H6     sing N N 186 
U31 "CA'" "CB'"  sing N N 187 
U31 "CA'" "HA'1" sing N N 188 
U31 "CA'" "HA'2" sing N N 189 
U31 "CB'" CC     sing N N 190 
U31 "CB'" "HB'1" sing N N 191 
U31 "CB'" "HB'2" sing N N 192 
U31 CC    "ND'"  sing N N 193 
U31 CC    HCC1   sing N N 194 
U31 CC    HCC2   sing N N 195 
U31 "ND'" "HD'1" sing N N 196 
U31 "ND'" "HD'2" sing N N 197 
# 
_ndb_struct_conf_na.entry_id   1D9H 
_ndb_struct_conf_na.feature    'a-form double helix' 
# 
loop_
_ndb_struct_na_base_pair.model_number 
_ndb_struct_na_base_pair.i_label_asym_id 
_ndb_struct_na_base_pair.i_label_comp_id 
_ndb_struct_na_base_pair.i_label_seq_id 
_ndb_struct_na_base_pair.i_symmetry 
_ndb_struct_na_base_pair.j_label_asym_id 
_ndb_struct_na_base_pair.j_label_comp_id 
_ndb_struct_na_base_pair.j_label_seq_id 
_ndb_struct_na_base_pair.j_symmetry 
_ndb_struct_na_base_pair.shear 
_ndb_struct_na_base_pair.stretch 
_ndb_struct_na_base_pair.stagger 
_ndb_struct_na_base_pair.buckle 
_ndb_struct_na_base_pair.propeller 
_ndb_struct_na_base_pair.opening 
_ndb_struct_na_base_pair.pair_number 
_ndb_struct_na_base_pair.pair_name 
_ndb_struct_na_base_pair.i_auth_asym_id 
_ndb_struct_na_base_pair.i_auth_seq_id 
_ndb_struct_na_base_pair.i_PDB_ins_code 
_ndb_struct_na_base_pair.j_auth_asym_id 
_ndb_struct_na_base_pair.j_auth_seq_id 
_ndb_struct_na_base_pair.j_PDB_ins_code 
_ndb_struct_na_base_pair.hbond_type_28 
_ndb_struct_na_base_pair.hbond_type_12 
1 A DG  1  1_555 B DC  10 1_555 -0.124 -0.194 0.214  4.541  -3.235  -2.047 1  A_DG1:DC20_B  A 1  ? B 20 ? 19 1 
1 A DC  2  1_555 B DG  9  1_555 0.151  -0.153 0.002  7.522  -15.057 1.562  2  A_DC2:DG19_B  A 2  ? B 19 ? 19 1 
1 A DG  3  1_555 B DC  8  1_555 -0.348 -0.182 0.132  -6.899 -15.327 1.062  3  A_DG3:DC18_B  A 3  ? B 18 ? 19 1 
1 A DT  4  1_555 B DA  7  1_555 -0.134 -0.131 -0.043 -3.221 -18.412 0.857  4  A_DT4:DA17_B  A 4  ? B 17 ? 20 1 
1 A DA  5  1_555 B U31 6  1_555 0.204  -0.100 0.215  2.168  -14.224 -4.550 5  A_DA5:U3116_B A 5  ? B 16 ? 20 1 
1 A U31 6  1_555 B DA  5  1_555 0.053  -0.053 0.339  3.017  -13.930 4.924  6  A_U316:DA15_B A 6  ? B 15 ? 20 1 
1 A DA  7  1_555 B DT  4  1_555 0.081  -0.204 0.032  1.854  -9.970  0.566  7  A_DA7:DT14_B  A 7  ? B 14 ? 20 1 
1 A DC  8  1_555 B DG  3  1_555 0.197  -0.192 -0.256 8.475  -12.857 1.441  8  A_DC8:DG13_B  A 8  ? B 13 ? 19 1 
1 A DG  9  1_555 B DC  2  1_555 -0.242 -0.121 0.135  -1.851 -8.354  1.738  9  A_DG9:DC12_B  A 9  ? B 12 ? 19 1 
1 A DC  10 1_555 B DG  1  1_555 0.475  -0.218 -0.063 0.653  2.322   -1.433 10 A_DC10:DG11_B A 10 ? B 11 ? 19 1 
# 
loop_
_ndb_struct_na_base_pair_step.model_number 
_ndb_struct_na_base_pair_step.i_label_asym_id_1 
_ndb_struct_na_base_pair_step.i_label_comp_id_1 
_ndb_struct_na_base_pair_step.i_label_seq_id_1 
_ndb_struct_na_base_pair_step.i_symmetry_1 
_ndb_struct_na_base_pair_step.j_label_asym_id_1 
_ndb_struct_na_base_pair_step.j_label_comp_id_1 
_ndb_struct_na_base_pair_step.j_label_seq_id_1 
_ndb_struct_na_base_pair_step.j_symmetry_1 
_ndb_struct_na_base_pair_step.i_label_asym_id_2 
_ndb_struct_na_base_pair_step.i_label_comp_id_2 
_ndb_struct_na_base_pair_step.i_label_seq_id_2 
_ndb_struct_na_base_pair_step.i_symmetry_2 
_ndb_struct_na_base_pair_step.j_label_asym_id_2 
_ndb_struct_na_base_pair_step.j_label_comp_id_2 
_ndb_struct_na_base_pair_step.j_label_seq_id_2 
_ndb_struct_na_base_pair_step.j_symmetry_2 
_ndb_struct_na_base_pair_step.shift 
_ndb_struct_na_base_pair_step.slide 
_ndb_struct_na_base_pair_step.rise 
_ndb_struct_na_base_pair_step.tilt 
_ndb_struct_na_base_pair_step.roll 
_ndb_struct_na_base_pair_step.twist 
_ndb_struct_na_base_pair_step.x_displacement 
_ndb_struct_na_base_pair_step.y_displacement 
_ndb_struct_na_base_pair_step.helical_rise 
_ndb_struct_na_base_pair_step.inclination 
_ndb_struct_na_base_pair_step.tip 
_ndb_struct_na_base_pair_step.helical_twist 
_ndb_struct_na_base_pair_step.step_number 
_ndb_struct_na_base_pair_step.step_name 
_ndb_struct_na_base_pair_step.i_auth_asym_id_1 
_ndb_struct_na_base_pair_step.i_auth_seq_id_1 
_ndb_struct_na_base_pair_step.i_PDB_ins_code_1 
_ndb_struct_na_base_pair_step.j_auth_asym_id_1 
_ndb_struct_na_base_pair_step.j_auth_seq_id_1 
_ndb_struct_na_base_pair_step.j_PDB_ins_code_1 
_ndb_struct_na_base_pair_step.i_auth_asym_id_2 
_ndb_struct_na_base_pair_step.i_auth_seq_id_2 
_ndb_struct_na_base_pair_step.i_PDB_ins_code_2 
_ndb_struct_na_base_pair_step.j_auth_asym_id_2 
_ndb_struct_na_base_pair_step.j_auth_seq_id_2 
_ndb_struct_na_base_pair_step.j_PDB_ins_code_2 
1 A DG  1 1_555 B DC  10 1_555 A DC  2  1_555 B DG  9 1_555 0.197  -1.720 3.198 1.346  1.229  37.659 -2.816 -0.136 3.147 1.902  
-2.083 37.701 1 AA_DG1DC2:DG19DC20_BB   A 1 ? B 20 ? A 2  ? B 19 ? 
1 A DC  2 1_555 B DG  9  1_555 A DG  3  1_555 B DC  8 1_555 0.031  -2.046 3.446 -1.031 9.781  27.215 -6.158 -0.278 2.568 19.977 
2.106  28.906 2 AA_DC2DG3:DC18DG19_BB   A 2 ? B 19 ? A 3  ? B 18 ? 
1 A DG  3 1_555 B DC  8  1_555 A DT  4  1_555 B DA  7 1_555 -0.985 -1.370 3.065 -0.711 4.704  36.990 -2.712 1.455  2.893 7.376  
1.115  37.285 3 AA_DG3DT4:DA17DC18_BB   A 3 ? B 18 ? A 4  ? B 17 ? 
1 A DT  4 1_555 B DA  7  1_555 A DA  5  1_555 B U31 6 1_555 0.604  -1.486 3.043 1.223  20.459 27.705 -5.064 -0.871 1.621 36.990 
-2.210 34.342 4 AA_DT4DA5:U3116DA17_BB  A 4 ? B 17 ? A 5  ? B 16 ? 
1 A DA  5 1_555 B U31 6  1_555 A U31 6  1_555 B DA  5 1_555 0.842  -1.175 3.187 0.339  7.200  32.241 -3.214 -1.427 2.873 12.767 
-0.600 33.016 5 AA_DA5U316:DA15U3116_BB A 5 ? B 16 ? A 6  ? B 15 ? 
1 A U31 6 1_555 B DA  5  1_555 A DA  7  1_555 B DT  4 1_555 -0.195 -1.478 3.076 1.184  12.908 31.492 -4.295 0.496  2.302 22.620 
-2.075 33.993 6 AA_U316DA7:DT14DA15_BB  A 6 ? B 15 ? A 7  ? B 14 ? 
1 A DA  7 1_555 B DT  4  1_555 A DC  8  1_555 B DG  3 1_555 0.412  -1.827 3.196 3.654  2.387  31.056 -3.813 -0.099 3.077 4.430  
-6.783 31.354 7 AA_DA7DC8:DG13DT14_BB   A 7 ? B 14 ? A 8  ? B 13 ? 
1 A DC  8 1_555 B DG  3  1_555 A DG  9  1_555 B DC  2 1_555 -0.237 -1.976 3.502 -2.277 10.917 27.083 -6.187 -0.005 2.542 22.156 
4.621  29.249 8 AA_DC8DG9:DC12DG13_BB   A 8 ? B 13 ? A 9  ? B 12 ? 
1 A DG  9 1_555 B DC  2  1_555 A DC  10 1_555 B DG  1 1_555 0.107  -1.532 3.286 3.564  1.770  36.190 -2.697 0.322  3.206 2.838  
-5.715 36.401 9 AA_DG9DC10:DG11DC12_BB  A 9 ? B 12 ? A 10 ? B 11 ? 
# 
_atom_sites.entry_id                    1D9H 
_atom_sites.fract_transf_matrix[1][1]   -0.03746979 
_atom_sites.fract_transf_matrix[1][2]   -0.00714368 
_atom_sites.fract_transf_matrix[1][3]   0.01111105 
_atom_sites.fract_transf_matrix[2][1]   -0.00186326 
_atom_sites.fract_transf_matrix[2][2]   0.02195194 
_atom_sites.fract_transf_matrix[2][3]   0.00783019 
_atom_sites.fract_transf_matrix[3][1]   -0.00714457 
_atom_sites.fract_transf_matrix[3][2]   0.00649759 
_atom_sites.fract_transf_matrix[3][3]   -0.01991609 
_atom_sites.fract_transf_vector[1]      0.131902 
_atom_sites.fract_transf_vector[2]      0.043157 
_atom_sites.fract_transf_vector[3]      0.245823 
# 
loop_
_atom_type.symbol 
C 
N 
O 
P 
# 
loop_
_atom_site.group_PDB 
_atom_site.id 
_atom_site.type_symbol 
_atom_site.label_atom_id 
_atom_site.label_alt_id 
_atom_site.label_comp_id 
_atom_site.label_asym_id 
_atom_site.label_entity_id 
_atom_site.label_seq_id 
_atom_site.pdbx_PDB_ins_code 
_atom_site.Cartn_x 
_atom_site.Cartn_y 
_atom_site.Cartn_z 
_atom_site.occupancy 
_atom_site.B_iso_or_equiv 
_atom_site.pdbx_formal_charge 
_atom_site.auth_seq_id 
_atom_site.auth_comp_id 
_atom_site.auth_asym_id 
_atom_site.auth_atom_id 
_atom_site.pdbx_PDB_model_num 
ATOM   1   O "O5'" . DG  A 1 1  ? 5.434   -3.213  -9.139  1.00 23.55 ? 1  DG  A "O5'" 1 
ATOM   2   C "C5'" . DG  A 1 1  ? 4.980   -4.068  -10.200 1.00 18.09 ? 1  DG  A "C5'" 1 
ATOM   3   C "C4'" . DG  A 1 1  ? 5.091   -5.536  -9.850  1.00 14.38 ? 1  DG  A "C4'" 1 
ATOM   4   O "O4'" . DG  A 1 1  ? 6.465   -5.854  -9.549  1.00 15.99 ? 1  DG  A "O4'" 1 
ATOM   5   C "C3'" . DG  A 1 1  ? 4.332   -5.958  -8.602  1.00 14.21 ? 1  DG  A "C3'" 1 
ATOM   6   O "O3'" . DG  A 1 1  ? 2.963   -6.194  -8.897  1.00 15.35 ? 1  DG  A "O3'" 1 
ATOM   7   C "C2'" . DG  A 1 1  ? 5.060   -7.224  -8.206  1.00 11.87 ? 1  DG  A "C2'" 1 
ATOM   8   C "C1'" . DG  A 1 1  ? 6.510   -6.838  -8.509  1.00 14.05 ? 1  DG  A "C1'" 1 
ATOM   9   N N9    . DG  A 1 1  ? 7.256   -6.273  -7.382  1.00 14.98 ? 1  DG  A N9    1 
ATOM   10  C C8    . DG  A 1 1  ? 7.815   -5.015  -7.296  1.00 15.00 ? 1  DG  A C8    1 
ATOM   11  N N7    . DG  A 1 1  ? 8.449   -4.808  -6.173  1.00 14.97 ? 1  DG  A N7    1 
ATOM   12  C C5    . DG  A 1 1  ? 8.299   -6.001  -5.469  1.00 14.58 ? 1  DG  A C5    1 
ATOM   13  C C6    . DG  A 1 1  ? 8.784   -6.386  -4.194  1.00 13.40 ? 1  DG  A C6    1 
ATOM   14  O O6    . DG  A 1 1  ? 9.468   -5.743  -3.405  1.00 13.19 ? 1  DG  A O6    1 
ATOM   15  N N1    . DG  A 1 1  ? 8.400   -7.684  -3.871  1.00 12.64 ? 1  DG  A N1    1 
ATOM   16  C C2    . DG  A 1 1  ? 7.649   -8.503  -4.666  1.00 13.57 ? 1  DG  A C2    1 
ATOM   17  N N2    . DG  A 1 1  ? 7.370   -9.735  -4.190  1.00 13.01 ? 1  DG  A N2    1 
ATOM   18  N N3    . DG  A 1 1  ? 7.193   -8.155  -5.852  1.00 13.92 ? 1  DG  A N3    1 
ATOM   19  C C4    . DG  A 1 1  ? 7.557   -6.904  -6.195  1.00 14.88 ? 1  DG  A C4    1 
ATOM   20  P P     . DC  A 1 2  ? 1.844   -5.815  -7.813  1.00 15.84 ? 2  DC  A P     1 
ATOM   21  O OP1   . DC  A 1 2  ? 0.523   -5.969  -8.471  1.00 18.31 ? 2  DC  A OP1   1 
ATOM   22  O OP2   . DC  A 1 2  ? 2.209   -4.513  -7.176  1.00 17.60 ? 2  DC  A OP2   1 
ATOM   23  O "O5'" . DC  A 1 2  ? 1.965   -6.962  -6.721  1.00 15.63 ? 2  DC  A "O5'" 1 
ATOM   24  C "C5'" . DC  A 1 2  ? 1.829   -8.334  -7.091  1.00 14.40 ? 2  DC  A "C5'" 1 
ATOM   25  C "C4'" . DC  A 1 2  ? 2.181   -9.211  -5.915  1.00 14.06 ? 2  DC  A "C4'" 1 
ATOM   26  O "O4'" . DC  A 1 2  ? 3.575   -9.039  -5.574  1.00 13.73 ? 2  DC  A "O4'" 1 
ATOM   27  C "C3'" . DC  A 1 2  ? 1.417   -8.870  -4.645  1.00 13.00 ? 2  DC  A "C3'" 1 
ATOM   28  O "O3'" . DC  A 1 2  ? 0.183   -9.579  -4.661  1.00 13.76 ? 2  DC  A "O3'" 1 
ATOM   29  C "C2'" . DC  A 1 2  ? 2.354   -9.370  -3.557  1.00 11.83 ? 2  DC  A "C2'" 1 
ATOM   30  C "C1'" . DC  A 1 2  ? 3.737   -9.094  -4.163  1.00 10.63 ? 2  DC  A "C1'" 1 
ATOM   31  N N1    . DC  A 1 2  ? 4.386   -7.852  -3.736  1.00 10.94 ? 2  DC  A N1    1 
ATOM   32  C C2    . DC  A 1 2  ? 5.101   -7.868  -2.530  1.00 12.09 ? 2  DC  A C2    1 
ATOM   33  O O2    . DC  A 1 2  ? 5.100   -8.902  -1.849  1.00 10.11 ? 2  DC  A O2    1 
ATOM   34  N N3    . DC  A 1 2  ? 5.763   -6.758  -2.130  1.00 11.03 ? 2  DC  A N3    1 
ATOM   35  C C4    . DC  A 1 2  ? 5.717   -5.653  -2.873  1.00 12.87 ? 2  DC  A C4    1 
ATOM   36  N N4    . DC  A 1 2  ? 6.418   -4.601  -2.439  1.00 13.27 ? 2  DC  A N4    1 
ATOM   37  C C5    . DC  A 1 2  ? 4.960   -5.586  -4.095  1.00 11.21 ? 2  DC  A C5    1 
ATOM   38  C C6    . DC  A 1 2  ? 4.319   -6.705  -4.486  1.00 10.28 ? 2  DC  A C6    1 
ATOM   39  P P     . DG  A 1 3  ? -0.946  -9.227  -3.589  1.00 16.95 ? 3  DG  A P     1 
ATOM   40  O OP1   . DG  A 1 3  ? -2.065  -10.159 -3.840  1.00 17.44 ? 3  DG  A OP1   1 
ATOM   41  O OP2   . DG  A 1 3  ? -1.191  -7.758  -3.580  1.00 16.89 ? 3  DG  A OP2   1 
ATOM   42  O "O5'" . DG  A 1 3  ? -0.265  -9.653  -2.217  1.00 15.09 ? 3  DG  A "O5'" 1 
ATOM   43  C "C5'" . DG  A 1 3  ? -0.611  -9.027  -0.987  1.00 13.68 ? 3  DG  A "C5'" 1 
ATOM   44  C "C4'" . DG  A 1 3  ? 0.344   -9.473  0.091   1.00 11.14 ? 3  DG  A "C4'" 1 
ATOM   45  O "O4'" . DG  A 1 3  ? 1.693   -9.118  -0.263  1.00 12.42 ? 3  DG  A "O4'" 1 
ATOM   46  C "C3'" . DG  A 1 3  ? 0.095   -8.784  1.416   1.00 11.82 ? 3  DG  A "C3'" 1 
ATOM   47  O "O3'" . DG  A 1 3  ? -0.902  -9.511  2.125   1.00 13.75 ? 3  DG  A "O3'" 1 
ATOM   48  C "C2'" . DG  A 1 3  ? 1.450   -8.845  2.085   1.00 11.06 ? 3  DG  A "C2'" 1 
ATOM   49  C "C1'" . DG  A 1 3  ? 2.395   -8.677  0.901   1.00 12.37 ? 3  DG  A "C1'" 1 
ATOM   50  N N9    . DG  A 1 3  ? 2.850   -7.317  0.660   1.00 11.63 ? 3  DG  A N9    1 
ATOM   51  C C8    . DG  A 1 3  ? 2.682   -6.574  -0.482  1.00 10.77 ? 3  DG  A C8    1 
ATOM   52  N N7    . DG  A 1 3  ? 3.274   -5.414  -0.429  1.00 13.51 ? 3  DG  A N7    1 
ATOM   53  C C5    . DG  A 1 3  ? 3.853   -5.383  0.828   1.00 10.82 ? 3  DG  A C5    1 
ATOM   54  C C6    . DG  A 1 3  ? 4.636   -4.391  1.449   1.00 11.60 ? 3  DG  A C6    1 
ATOM   55  O O6    . DG  A 1 3  ? 5.000   -3.287  0.999   1.00 12.89 ? 3  DG  A O6    1 
ATOM   56  N N1    . DG  A 1 3  ? 5.015   -4.771  2.732   1.00 12.37 ? 3  DG  A N1    1 
ATOM   57  C C2    . DG  A 1 3  ? 4.672   -5.939  3.341   1.00 8.89  ? 3  DG  A C2    1 
ATOM   58  N N2    . DG  A 1 3  ? 5.114   -6.116  4.599   1.00 9.72  ? 3  DG  A N2    1 
ATOM   59  N N3    . DG  A 1 3  ? 3.942   -6.876  2.768   1.00 11.08 ? 3  DG  A N3    1 
ATOM   60  C C4    . DG  A 1 3  ? 3.574   -6.537  1.519   1.00 10.82 ? 3  DG  A C4    1 
ATOM   61  P P     . DT  A 1 4  ? -1.870  -8.741  3.127   1.00 14.26 ? 4  DT  A P     1 
ATOM   62  O OP1   . DT  A 1 4  ? -2.887  -9.712  3.539   1.00 14.24 ? 4  DT  A OP1   1 
ATOM   63  O OP2   . DT  A 1 4  ? -2.281  -7.453  2.527   1.00 16.58 ? 4  DT  A OP2   1 
ATOM   64  O "O5'" . DT  A 1 4  ? -0.935  -8.335  4.349   1.00 14.57 ? 4  DT  A "O5'" 1 
ATOM   65  C "C5'" . DT  A 1 4  ? -0.438  -9.302  5.287   1.00 12.26 ? 4  DT  A "C5'" 1 
ATOM   66  C "C4'" . DT  A 1 4  ? 0.220   -8.585  6.445   1.00 11.20 ? 4  DT  A "C4'" 1 
ATOM   67  O "O4'" . DT  A 1 4  ? 1.454   -7.970  6.028   1.00 11.08 ? 4  DT  A "O4'" 1 
ATOM   68  C "C3'" . DT  A 1 4  ? -0.605  -7.429  6.985   1.00 12.47 ? 4  DT  A "C3'" 1 
ATOM   69  O "O3'" . DT  A 1 4  ? -1.591  -7.898  7.902   1.00 13.77 ? 4  DT  A "O3'" 1 
ATOM   70  C "C2'" . DT  A 1 4  ? 0.447   -6.562  7.643   1.00 11.14 ? 4  DT  A "C2'" 1 
ATOM   71  C "C1'" . DT  A 1 4  ? 1.629   -6.719  6.697   1.00 10.86 ? 4  DT  A "C1'" 1 
ATOM   72  N N1    . DT  A 1 4  ? 1.731   -5.650  5.658   1.00 11.67 ? 4  DT  A N1    1 
ATOM   73  C C2    . DT  A 1 4  ? 2.545   -4.560  5.909   1.00 11.02 ? 4  DT  A C2    1 
ATOM   74  O O2    . DT  A 1 4  ? 3.134   -4.391  6.972   1.00 12.27 ? 4  DT  A O2    1 
ATOM   75  N N3    . DT  A 1 4  ? 2.635   -3.657  4.861   1.00 9.20  ? 4  DT  A N3    1 
ATOM   76  C C4    . DT  A 1 4  ? 2.008   -3.725  3.638   1.00 7.93  ? 4  DT  A C4    1 
ATOM   77  O O4    . DT  A 1 4  ? 2.227   -2.861  2.791   1.00 9.28  ? 4  DT  A O4    1 
ATOM   78  C C5    . DT  A 1 4  ? 1.128   -4.859  3.461   1.00 8.57  ? 4  DT  A C5    1 
ATOM   79  C C7    . DT  A 1 4  ? 0.354   -4.980  2.185   1.00 7.18  ? 4  DT  A C7    1 
ATOM   80  C C6    . DT  A 1 4  ? 1.042   -5.758  4.458   1.00 10.55 ? 4  DT  A C6    1 
ATOM   81  P P     . DA  A 1 5  ? -2.972  -7.093  8.055   1.00 15.63 ? 5  DA  A P     1 
ATOM   82  O OP1   . DA  A 1 5  ? -3.758  -7.785  9.108   1.00 16.28 ? 5  DA  A OP1   1 
ATOM   83  O OP2   . DA  A 1 5  ? -3.559  -6.904  6.713   1.00 17.02 ? 5  DA  A OP2   1 
ATOM   84  O "O5'" . DA  A 1 5  ? -2.484  -5.693  8.640   1.00 14.83 ? 5  DA  A "O5'" 1 
ATOM   85  C "C5'" . DA  A 1 5  ? -3.063  -4.438  8.231   1.00 14.15 ? 5  DA  A "C5'" 1 
ATOM   86  C "C4'" . DA  A 1 5  ? -2.259  -3.298  8.816   1.00 12.05 ? 5  DA  A "C4'" 1 
ATOM   87  O "O4'" . DA  A 1 5  ? -0.921  -3.269  8.273   1.00 11.96 ? 5  DA  A "O4'" 1 
ATOM   88  C "C3'" . DA  A 1 5  ? -2.801  -1.914  8.527   1.00 11.80 ? 5  DA  A "C3'" 1 
ATOM   89  O "O3'" . DA  A 1 5  ? -3.824  -1.608  9.470   1.00 13.22 ? 5  DA  A "O3'" 1 
ATOM   90  C "C2'" . DA  A 1 5  ? -1.571  -1.049  8.731   1.00 9.14  ? 5  DA  A "C2'" 1 
ATOM   91  C "C1'" . DA  A 1 5  ? -0.477  -1.916  8.142   1.00 10.37 ? 5  DA  A "C1'" 1 
ATOM   92  N N9    . DA  A 1 5  ? -0.263  -1.646  6.719   1.00 10.28 ? 5  DA  A N9    1 
ATOM   93  C C8    . DA  A 1 5  ? -0.770  -2.329  5.640   1.00 9.98  ? 5  DA  A C8    1 
ATOM   94  N N7    . DA  A 1 5  ? -0.372  -1.857  4.479   1.00 8.68  ? 5  DA  A N7    1 
ATOM   95  C C5    . DA  A 1 5  ? 0.436   -0.782  4.816   1.00 8.87  ? 5  DA  A C5    1 
ATOM   96  C C6    . DA  A 1 5  ? 1.148   0.145   4.033   1.00 8.73  ? 5  DA  A C6    1 
ATOM   97  N N6    . DA  A 1 5  ? 1.158   0.124   2.704   1.00 10.67 ? 5  DA  A N6    1 
ATOM   98  N N1    . DA  A 1 5  ? 1.864   1.093   4.669   1.00 10.13 ? 5  DA  A N1    1 
ATOM   99  C C2    . DA  A 1 5  ? 1.855   1.108   6.010   1.00 8.03  ? 5  DA  A C2    1 
ATOM   100 N N3    . DA  A 1 5  ? 1.217   0.298   6.854   1.00 9.41  ? 5  DA  A N3    1 
ATOM   101 C C4    . DA  A 1 5  ? 0.513   -0.633  6.191   1.00 9.62  ? 5  DA  A C4    1 
HETATM 102 P P     . U31 A 1 6  ? -5.033  -0.648  9.056   1.00 14.79 ? 6  U31 A P     1 
HETATM 103 O O1P   . U31 A 1 6  ? -5.997  -0.608  10.192  1.00 17.36 ? 6  U31 A O1P   1 
HETATM 104 O O2P   . U31 A 1 6  ? -5.528  -1.031  7.716   1.00 14.98 ? 6  U31 A O2P   1 
HETATM 105 O "O5'" . U31 A 1 6  ? -4.325  0.762   8.894   1.00 14.50 ? 6  U31 A "O5'" 1 
HETATM 106 C "C5'" . U31 A 1 6  ? -3.745  1.434   10.011  1.00 13.81 ? 6  U31 A "C5'" 1 
HETATM 107 C "C4'" . U31 A 1 6  ? -2.986  2.645   9.542   1.00 12.53 ? 6  U31 A "C4'" 1 
HETATM 108 O "O4'" . U31 A 1 6  ? -1.844  2.209   8.761   1.00 14.20 ? 6  U31 A "O4'" 1 
HETATM 109 C "C3'" . U31 A 1 6  ? -3.716  3.555   8.570   1.00 14.06 ? 6  U31 A "C3'" 1 
HETATM 110 O "O3'" . U31 A 1 6  ? -4.657  4.407   9.198   1.00 14.57 ? 6  U31 A "O3'" 1 
HETATM 111 C "C2'" . U31 A 1 6  ? -2.553  4.309   7.949   1.00 13.47 ? 6  U31 A "C2'" 1 
HETATM 112 O "O2'" . U31 A 1 6  ? -1.987  5.244   8.845   1.00 15.86 ? 6  U31 A "O2'" 1 
HETATM 113 C "C1'" . U31 A 1 6  ? -1.566  3.162   7.741   1.00 13.07 ? 6  U31 A "C1'" 1 
HETATM 114 N N1    . U31 A 1 6  ? -1.725  2.524   6.422   1.00 13.06 ? 6  U31 A N1    1 
HETATM 115 C C2    . U31 A 1 6  ? -1.062  3.117   5.352   1.00 11.48 ? 6  U31 A C2    1 
HETATM 116 O O2    . U31 A 1 6  ? -0.371  4.119   5.468   1.00 14.34 ? 6  U31 A O2    1 
HETATM 117 N N3    . U31 A 1 6  ? -1.241  2.502   4.150   1.00 10.68 ? 6  U31 A N3    1 
HETATM 118 C C4    . U31 A 1 6  ? -1.992  1.386   3.891   1.00 11.33 ? 6  U31 A C4    1 
HETATM 119 O O4    . U31 A 1 6  ? -2.082  0.998   2.733   1.00 10.86 ? 6  U31 A O4    1 
HETATM 120 C C5    . U31 A 1 6  ? -2.647  0.812   5.032   1.00 11.35 ? 6  U31 A C5    1 
HETATM 121 C C6    . U31 A 1 6  ? -2.498  1.389   6.233   1.00 11.66 ? 6  U31 A C6    1 
HETATM 122 C "CA'" . U31 A 1 6  ? -0.882  5.942   8.277   1.00 18.00 ? 6  U31 A "CA'" 1 
HETATM 123 C "CB'" . U31 A 1 6  ? -0.230  6.800   9.204   1.00 22.43 ? 6  U31 A "CB'" 1 
HETATM 124 C CC    . U31 A 1 6  ? -0.878  6.933   10.474  1.00 22.37 ? 6  U31 A CC    1 
HETATM 125 N "ND'" . U31 A 1 6  ? -2.172  7.499   10.302  1.00 27.60 ? 6  U31 A "ND'" 1 
ATOM   126 P P     . DA  A 1 7  ? -5.977  4.827   8.393   1.00 15.56 ? 7  DA  A P     1 
ATOM   127 O OP1   . DA  A 1 7  ? -6.924  5.408   9.359   1.00 16.71 ? 7  DA  A OP1   1 
ATOM   128 O OP2   . DA  A 1 7  ? -6.402  3.680   7.555   1.00 17.74 ? 7  DA  A OP2   1 
ATOM   129 O "O5'" . DA  A 1 7  ? -5.472  5.957   7.395   1.00 15.11 ? 7  DA  A "O5'" 1 
ATOM   130 C "C5'" . DA  A 1 7  ? -4.948  7.194   7.891   1.00 14.27 ? 7  DA  A "C5'" 1 
ATOM   131 C "C4'" . DA  A 1 7  ? -4.334  7.987   6.763   1.00 15.19 ? 7  DA  A "C4'" 1 
ATOM   132 O "O4'" . DA  A 1 7  ? -3.192  7.278   6.235   1.00 15.33 ? 7  DA  A "O4'" 1 
ATOM   133 C "C3'" . DA  A 1 7  ? -5.225  8.192   5.550   1.00 15.19 ? 7  DA  A "C3'" 1 
ATOM   134 O "O3'" . DA  A 1 7  ? -6.149  9.264   5.753   1.00 16.06 ? 7  DA  A "O3'" 1 
ATOM   135 C "C2'" . DA  A 1 7  ? -4.205  8.530   4.481   1.00 15.58 ? 7  DA  A "C2'" 1 
ATOM   136 C "C1'" . DA  A 1 7  ? -3.075  7.559   4.828   1.00 15.95 ? 7  DA  A "C1'" 1 
ATOM   137 N N9    . DA  A 1 7  ? -3.218  6.298   4.088   1.00 14.29 ? 7  DA  A N9    1 
ATOM   138 C C8    . DA  A 1 7  ? -3.801  5.114   4.489   1.00 13.12 ? 7  DA  A C8    1 
ATOM   139 N N7    . DA  A 1 7  ? -3.833  4.197   3.549   1.00 12.24 ? 7  DA  A N7    1 
ATOM   140 C C5    . DA  A 1 7  ? -3.213  4.806   2.467   1.00 10.63 ? 7  DA  A C5    1 
ATOM   141 C C6    . DA  A 1 7  ? -2.932  4.362   1.168   1.00 10.04 ? 7  DA  A C6    1 
ATOM   142 N N6    . DA  A 1 7  ? -3.247  3.145   0.719   1.00 10.99 ? 7  DA  A N6    1 
ATOM   143 N N1    . DA  A 1 7  ? -2.299  5.222   0.335   1.00 10.19 ? 7  DA  A N1    1 
ATOM   144 C C2    . DA  A 1 7  ? -1.968  6.433   0.780   1.00 8.38  ? 7  DA  A C2    1 
ATOM   145 N N3    . DA  A 1 7  ? -2.172  6.967   1.973   1.00 10.20 ? 7  DA  A N3    1 
ATOM   146 C C4    . DA  A 1 7  ? -2.813  6.093   2.785   1.00 12.22 ? 7  DA  A C4    1 
ATOM   147 P P     . DC  A 1 8  ? -7.507  9.293   4.909   1.00 15.76 ? 8  DC  A P     1 
ATOM   148 O OP1   . DC  A 1 8  ? -8.284  10.424  5.474   1.00 19.88 ? 8  DC  A OP1   1 
ATOM   149 O OP2   . DC  A 1 8  ? -8.100  7.945   4.871   1.00 17.83 ? 8  DC  A OP2   1 
ATOM   150 O "O5'" . DC  A 1 8  ? -7.046  9.637   3.419   1.00 15.57 ? 8  DC  A "O5'" 1 
ATOM   151 C "C5'" . DC  A 1 8  ? -6.451  10.896  3.105   1.00 13.34 ? 8  DC  A "C5'" 1 
ATOM   152 C "C4'" . DC  A 1 8  ? -5.929  10.890  1.692   1.00 10.47 ? 8  DC  A "C4'" 1 
ATOM   153 O "O4'" . DC  A 1 8  ? -4.972  9.827   1.543   1.00 11.71 ? 8  DC  A "O4'" 1 
ATOM   154 C "C3'" . DC  A 1 8  ? -6.953  10.593  0.609   1.00 11.16 ? 8  DC  A "C3'" 1 
ATOM   155 O "O3'" . DC  A 1 8  ? -7.714  11.748  0.290   1.00 13.13 ? 8  DC  A "O3'" 1 
ATOM   156 C "C2'" . DC  A 1 8  ? -6.053  10.203  -0.544  1.00 10.31 ? 8  DC  A "C2'" 1 
ATOM   157 C "C1'" . DC  A 1 8  ? -4.984  9.386   0.175   1.00 12.17 ? 8  DC  A "C1'" 1 
ATOM   158 N N1    . DC  A 1 8  ? -5.327  7.953   0.144   1.00 11.28 ? 8  DC  A N1    1 
ATOM   159 C C2    . DC  A 1 8  ? -4.938  7.206   -0.967  1.00 11.36 ? 8  DC  A C2    1 
ATOM   160 O O2    . DC  A 1 8  ? -4.293  7.764   -1.861  1.00 12.62 ? 8  DC  A O2    1 
ATOM   161 N N3    . DC  A 1 8  ? -5.277  5.894   -1.042  1.00 10.53 ? 8  DC  A N3    1 
ATOM   162 C C4    . DC  A 1 8  ? -5.977  5.333   -0.056  1.00 10.55 ? 8  DC  A C4    1 
ATOM   163 N N4    . DC  A 1 8  ? -6.311  4.056   -0.187  1.00 11.63 ? 8  DC  A N4    1 
ATOM   164 C C5    . DC  A 1 8  ? -6.368  6.067   1.104   1.00 11.40 ? 8  DC  A C5    1 
ATOM   165 C C6    . DC  A 1 8  ? -6.025  7.362   1.163   1.00 10.28 ? 8  DC  A C6    1 
ATOM   166 P P     . DG  A 1 9  ? -9.120  11.585  -0.470  1.00 13.98 ? 9  DG  A P     1 
ATOM   167 O OP1   . DG  A 1 9  ? -9.760  12.892  -0.450  1.00 14.04 ? 9  DG  A OP1   1 
ATOM   168 O OP2   . DG  A 1 9  ? -9.843  10.406  0.083   1.00 14.44 ? 9  DG  A OP2   1 
ATOM   169 O "O5'" . DG  A 1 9  ? -8.725  11.193  -1.961  1.00 12.33 ? 9  DG  A "O5'" 1 
ATOM   170 C "C5'" . DG  A 1 9  ? -7.958  12.078  -2.770  1.00 11.80 ? 9  DG  A "C5'" 1 
ATOM   171 C "C4'" . DG  A 1 9  ? -7.691  11.443  -4.111  1.00 11.78 ? 9  DG  A "C4'" 1 
ATOM   172 O "O4'" . DG  A 1 9  ? -6.852  10.292  -3.934  1.00 11.92 ? 9  DG  A "O4'" 1 
ATOM   173 C "C3'" . DG  A 1 9  ? -8.926  10.876  -4.775  1.00 11.63 ? 9  DG  A "C3'" 1 
ATOM   174 O "O3'" . DG  A 1 9  ? -9.657  11.883  -5.434  1.00 15.47 ? 9  DG  A "O3'" 1 
ATOM   175 C "C2'" . DG  A 1 9  ? -8.325  9.906   -5.764  1.00 12.19 ? 9  DG  A "C2'" 1 
ATOM   176 C "C1'" . DG  A 1 9  ? -7.224  9.303   -4.908  1.00 12.91 ? 9  DG  A "C1'" 1 
ATOM   177 N N9    . DG  A 1 9  ? -7.673  8.096   -4.211  1.00 11.00 ? 9  DG  A N9    1 
ATOM   178 C C8    . DG  A 1 9  ? -8.053  7.941   -2.900  1.00 10.00 ? 9  DG  A C8    1 
ATOM   179 N N7    . DG  A 1 9  ? -8.355  6.705   -2.600  1.00 11.38 ? 9  DG  A N7    1 
ATOM   180 C C5    . DG  A 1 9  ? -8.168  6.007   -3.788  1.00 10.84 ? 9  DG  A C5    1 
ATOM   181 C C6    . DG  A 1 9  ? -8.323  4.617   -4.094  1.00 12.23 ? 9  DG  A C6    1 
ATOM   182 O O6    . DG  A 1 9  ? -8.654  3.682   -3.346  1.00 12.64 ? 9  DG  A O6    1 
ATOM   183 N N1    . DG  A 1 9  ? -8.041  4.358   -5.431  1.00 10.91 ? 9  DG  A N1    1 
ATOM   184 C C2    . DG  A 1 9  ? -7.671  5.298   -6.366  1.00 11.80 ? 9  DG  A C2    1 
ATOM   185 N N2    . DG  A 1 9  ? -7.465  4.873   -7.623  1.00 12.81 ? 9  DG  A N2    1 
ATOM   186 N N3    . DG  A 1 9  ? -7.517  6.577   -6.093  1.00 13.11 ? 9  DG  A N3    1 
ATOM   187 C C4    . DG  A 1 9  ? -7.774  6.857   -4.791  1.00 11.82 ? 9  DG  A C4    1 
ATOM   188 P P     . DC  A 1 10 ? -11.206 11.654  -5.717  1.00 15.17 ? 10 DC  A P     1 
ATOM   189 O OP1   . DC  A 1 10 ? -11.671 12.913  -6.357  1.00 19.01 ? 10 DC  A OP1   1 
ATOM   190 O OP2   . DC  A 1 10 ? -11.868 11.153  -4.502  1.00 15.37 ? 10 DC  A OP2   1 
ATOM   191 O "O5'" . DC  A 1 10 ? -11.253 10.479  -6.802  1.00 15.30 ? 10 DC  A "O5'" 1 
ATOM   192 C "C5'" . DC  A 1 10 ? -10.722 10.659  -8.115  1.00 12.17 ? 10 DC  A "C5'" 1 
ATOM   193 C "C4'" . DC  A 1 10 ? -10.944 9.414   -8.943  1.00 12.67 ? 10 DC  A "C4'" 1 
ATOM   194 O "O4'" . DC  A 1 10 ? -10.184 8.322   -8.392  1.00 12.80 ? 10 DC  A "O4'" 1 
ATOM   195 C "C3'" . DC  A 1 10 ? -12.371 8.889   -9.004  1.00 13.02 ? 10 DC  A "C3'" 1 
ATOM   196 O "O3'" . DC  A 1 10 ? -13.188 9.552   -9.962  1.00 14.77 ? 10 DC  A "O3'" 1 
ATOM   197 C "C2'" . DC  A 1 10 ? -12.153 7.441   -9.380  1.00 12.24 ? 10 DC  A "C2'" 1 
ATOM   198 C "C1'" . DC  A 1 10 ? -10.862 7.095   -8.634  1.00 12.95 ? 10 DC  A "C1'" 1 
ATOM   199 N N1    . DC  A 1 10 ? -11.093 6.445   -7.333  1.00 13.28 ? 10 DC  A N1    1 
ATOM   200 C C2    . DC  A 1 10 ? -11.176 5.064   -7.304  1.00 13.86 ? 10 DC  A C2    1 
ATOM   201 O O2    . DC  A 1 10 ? -11.079 4.440   -8.365  1.00 14.72 ? 10 DC  A O2    1 
ATOM   202 N N3    . DC  A 1 10 ? -11.364 4.441   -6.133  1.00 13.30 ? 10 DC  A N3    1 
ATOM   203 C C4    . DC  A 1 10 ? -11.490 5.148   -5.011  1.00 13.55 ? 10 DC  A C4    1 
ATOM   204 N N4    . DC  A 1 10 ? -11.716 4.485   -3.870  1.00 14.09 ? 10 DC  A N4    1 
ATOM   205 C C5    . DC  A 1 10 ? -11.408 6.568   -5.009  1.00 12.13 ? 10 DC  A C5    1 
ATOM   206 C C6    . DC  A 1 10 ? -11.216 7.170   -6.183  1.00 11.37 ? 10 DC  A C6    1 
ATOM   207 O "O5'" . DG  B 1 1  ? -10.345 -5.617  -4.563  1.00 28.22 ? 11 DG  B "O5'" 1 
ATOM   208 C "C5'" . DG  B 1 1  ? -10.817 -6.424  -5.653  1.00 24.66 ? 11 DG  B "C5'" 1 
ATOM   209 C "C4'" . DG  B 1 1  ? -10.958 -5.598  -6.910  1.00 23.50 ? 11 DG  B "C4'" 1 
ATOM   210 O "O4'" . DG  B 1 1  ? -12.041 -4.662  -6.753  1.00 22.19 ? 11 DG  B "O4'" 1 
ATOM   211 C "C3'" . DG  B 1 1  ? -9.743  -4.737  -7.209  1.00 23.31 ? 11 DG  B "C3'" 1 
ATOM   212 O "O3'" . DG  B 1 1  ? -8.782  -5.477  -7.955  1.00 21.31 ? 11 DG  B "O3'" 1 
ATOM   213 C "C2'" . DG  B 1 1  ? -10.329 -3.601  -8.017  1.00 21.18 ? 11 DG  B "C2'" 1 
ATOM   214 C "C1'" . DG  B 1 1  ? -11.700 -3.423  -7.371  1.00 21.64 ? 11 DG  B "C1'" 1 
ATOM   215 N N9    . DG  B 1 1  ? -11.772 -2.379  -6.351  1.00 19.98 ? 11 DG  B N9    1 
ATOM   216 C C8    . DG  B 1 1  ? -12.016 -2.540  -5.003  1.00 19.78 ? 11 DG  B C8    1 
ATOM   217 N N7    . DG  B 1 1  ? -12.063 -1.409  -4.354  1.00 18.11 ? 11 DG  B N7    1 
ATOM   218 C C5    . DG  B 1 1  ? -11.829 -0.445  -5.331  1.00 19.60 ? 11 DG  B C5    1 
ATOM   219 C C6    . DG  B 1 1  ? -11.770 0.970   -5.234  1.00 18.38 ? 11 DG  B C6    1 
ATOM   220 O O6    . DG  B 1 1  ? -11.905 1.682   -4.245  1.00 18.33 ? 11 DG  B O6    1 
ATOM   221 N N1    . DG  B 1 1  ? -11.519 1.554   -6.461  1.00 17.74 ? 11 DG  B N1    1 
ATOM   222 C C2    . DG  B 1 1  ? -11.335 0.877   -7.637  1.00 18.39 ? 11 DG  B C2    1 
ATOM   223 N N2    . DG  B 1 1  ? -11.082 1.628   -8.722  1.00 17.76 ? 11 DG  B N2    1 
ATOM   224 N N3    . DG  B 1 1  ? -11.388 -0.439  -7.743  1.00 17.51 ? 11 DG  B N3    1 
ATOM   225 C C4    . DG  B 1 1  ? -11.638 -1.031  -6.562  1.00 17.82 ? 11 DG  B C4    1 
ATOM   226 P P     . DC  B 1 2  ? -7.244  -5.088  -7.829  1.00 23.27 ? 12 DC  B P     1 
ATOM   227 O OP1   . DC  B 1 2  ? -6.424  -6.057  -8.597  1.00 24.63 ? 12 DC  B OP1   1 
ATOM   228 O OP2   . DC  B 1 2  ? -6.945  -4.847  -6.403  1.00 24.43 ? 12 DC  B OP2   1 
ATOM   229 O "O5'" . DC  B 1 2  ? -7.153  -3.705  -8.606  1.00 21.91 ? 12 DC  B "O5'" 1 
ATOM   230 C "C5'" . DC  B 1 2  ? -7.420  -3.643  -10.018 1.00 20.89 ? 12 DC  B "C5'" 1 
ATOM   231 C "C4'" . DC  B 1 2  ? -7.398  -2.207  -10.481 1.00 18.74 ? 12 DC  B "C4'" 1 
ATOM   232 O "O4'" . DC  B 1 2  ? -8.439  -1.491  -9.794  1.00 16.01 ? 12 DC  B "O4'" 1 
ATOM   233 C "C3'" . DC  B 1 2  ? -6.132  -1.462  -10.103 1.00 20.58 ? 12 DC  B "C3'" 1 
ATOM   234 O "O3'" . DC  B 1 2  ? -5.104  -1.670  -11.059 1.00 22.13 ? 12 DC  B "O3'" 1 
ATOM   235 C "C2'" . DC  B 1 2  ? -6.597  -0.022  -10.087 1.00 18.12 ? 12 DC  B "C2'" 1 
ATOM   236 C "C1'" . DC  B 1 2  ? -7.992  -0.166  -9.503  1.00 16.30 ? 12 DC  B "C1'" 1 
ATOM   237 N N1    . DC  B 1 2  ? -8.076  0.041   -8.045  1.00 14.55 ? 12 DC  B N1    1 
ATOM   238 C C2    . DC  B 1 2  ? -8.007  1.347   -7.565  1.00 13.66 ? 12 DC  B C2    1 
ATOM   239 O O2    . DC  B 1 2  ? -7.787  2.254   -8.358  1.00 11.87 ? 12 DC  B O2    1 
ATOM   240 N N3    . DC  B 1 2  ? -8.169  1.583   -6.241  1.00 13.65 ? 12 DC  B N3    1 
ATOM   241 C C4    . DC  B 1 2  ? -8.354  0.559   -5.403  1.00 13.92 ? 12 DC  B C4    1 
ATOM   242 N N4    . DC  B 1 2  ? -8.512  0.838   -4.104  1.00 13.18 ? 12 DC  B N4    1 
ATOM   243 C C5    . DC  B 1 2  ? -8.386  -0.793  -5.859  1.00 13.48 ? 12 DC  B C5    1 
ATOM   244 C C6    . DC  B 1 2  ? -8.241  -1.004  -7.178  1.00 14.16 ? 12 DC  B C6    1 
ATOM   245 P P     . DG  B 1 3  ? -3.589  -1.735  -10.564 1.00 26.86 ? 13 DG  B P     1 
ATOM   246 O OP1   . DG  B 1 3  ? -2.748  -1.931  -11.773 1.00 28.39 ? 13 DG  B OP1   1 
ATOM   247 O OP2   . DG  B 1 3  ? -3.549  -2.726  -9.454  1.00 24.96 ? 13 DG  B OP2   1 
ATOM   248 O "O5'" . DG  B 1 3  ? -3.265  -0.301  -9.936  1.00 22.81 ? 13 DG  B "O5'" 1 
ATOM   249 C "C5'" . DG  B 1 3  ? -2.985  0.795   -10.796 1.00 21.08 ? 13 DG  B "C5'" 1 
ATOM   250 C "C4'" . DG  B 1 3  ? -3.009  2.106   -10.044 1.00 17.60 ? 13 DG  B "C4'" 1 
ATOM   251 O "O4'" . DG  B 1 3  ? -4.230  2.276   -9.291  1.00 16.56 ? 13 DG  B "O4'" 1 
ATOM   252 C "C3'" . DG  B 1 3  ? -1.948  2.339   -8.991  1.00 15.02 ? 13 DG  B "C3'" 1 
ATOM   253 O "O3'" . DG  B 1 3  ? -0.689  2.591   -9.581  1.00 14.05 ? 13 DG  B "O3'" 1 
ATOM   254 C "C2'" . DG  B 1 3  ? -2.493  3.587   -8.327  1.00 14.79 ? 13 DG  B "C2'" 1 
ATOM   255 C "C1'" . DG  B 1 3  ? -3.985  3.288   -8.306  1.00 14.97 ? 13 DG  B "C1'" 1 
ATOM   256 N N9    . DG  B 1 3  ? -4.421  2.800   -7.001  1.00 13.94 ? 13 DG  B N9    1 
ATOM   257 C C8    . DG  B 1 3  ? -4.744  1.519   -6.620  1.00 14.68 ? 13 DG  B C8    1 
ATOM   258 N N7    . DG  B 1 3  ? -5.064  1.424   -5.353  1.00 14.46 ? 13 DG  B N7    1 
ATOM   259 C C5    . DG  B 1 3  ? -4.940  2.722   -4.877  1.00 13.57 ? 13 DG  B C5    1 
ATOM   260 C C6    . DG  B 1 3  ? -5.139  3.250   -3.571  1.00 12.77 ? 13 DG  B C6    1 
ATOM   261 O O6    . DG  B 1 3  ? -5.460  2.658   -2.532  1.00 12.79 ? 13 DG  B O6    1 
ATOM   262 N N1    . DG  B 1 3  ? -4.920  4.622   -3.536  1.00 12.55 ? 13 DG  B N1    1 
ATOM   263 C C2    . DG  B 1 3  ? -4.545  5.388   -4.608  1.00 13.73 ? 13 DG  B C2    1 
ATOM   264 N N2    . DG  B 1 3  ? -4.372  6.694   -4.363  1.00 13.02 ? 13 DG  B N2    1 
ATOM   265 N N3    . DG  B 1 3  ? -4.347  4.913   -5.826  1.00 14.53 ? 13 DG  B N3    1 
ATOM   266 C C4    . DG  B 1 3  ? -4.560  3.579   -5.885  1.00 14.25 ? 13 DG  B C4    1 
ATOM   267 P P     . DT  B 1 4  ? 0.627   2.562   -8.668  1.00 13.90 ? 14 DT  B P     1 
ATOM   268 O OP1   . DT  B 1 4  ? 1.763   2.738   -9.606  1.00 16.07 ? 14 DT  B OP1   1 
ATOM   269 O OP2   . DT  B 1 4  ? 0.597   1.394   -7.737  1.00 13.38 ? 14 DT  B OP2   1 
ATOM   270 O "O5'" . DT  B 1 4  ? 0.490   3.855   -7.755  1.00 15.16 ? 14 DT  B "O5'" 1 
ATOM   271 C "C5'" . DT  B 1 4  ? 0.710   5.158   -8.291  1.00 13.87 ? 14 DT  B "C5'" 1 
ATOM   272 C "C4'" . DT  B 1 4  ? 0.648   6.188   -7.190  1.00 11.98 ? 14 DT  B "C4'" 1 
ATOM   273 O "O4'" . DT  B 1 4  ? -0.649  6.147   -6.562  1.00 11.79 ? 14 DT  B "O4'" 1 
ATOM   274 C "C3'" . DT  B 1 4  ? 1.608   5.950   -6.035  1.00 13.23 ? 14 DT  B "C3'" 1 
ATOM   275 O "O3'" . DT  B 1 4  ? 2.943   6.368   -6.349  1.00 15.20 ? 14 DT  B "O3'" 1 
ATOM   276 C "C2'" . DT  B 1 4  ? 0.970   6.804   -4.961  1.00 11.29 ? 14 DT  B "C2'" 1 
ATOM   277 C "C1'" . DT  B 1 4  ? -0.508  6.515   -5.188  1.00 11.01 ? 14 DT  B "C1'" 1 
ATOM   278 N N1    . DT  B 1 4  ? -0.963  5.390   -4.344  1.00 11.92 ? 14 DT  B N1    1 
ATOM   279 C C2    . DT  B 1 4  ? -1.260  5.703   -3.047  1.00 11.61 ? 14 DT  B C2    1 
ATOM   280 O O2    . DT  B 1 4  ? -1.125  6.826   -2.586  1.00 12.11 ? 14 DT  B O2    1 
ATOM   281 N N3    . DT  B 1 4  ? -1.702  4.657   -2.298  1.00 10.59 ? 14 DT  B N3    1 
ATOM   282 C C4    . DT  B 1 4  ? -1.854  3.342   -2.691  1.00 11.08 ? 14 DT  B C4    1 
ATOM   283 O O4    . DT  B 1 4  ? -2.283  2.521   -1.888  1.00 11.60 ? 14 DT  B O4    1 
ATOM   284 C C5    . DT  B 1 4  ? -1.483  3.069   -4.070  1.00 10.08 ? 14 DT  B C5    1 
ATOM   285 C C7    . DT  B 1 4  ? -1.575  1.667   -4.593  1.00 9.13  ? 14 DT  B C7    1 
ATOM   286 C C6    . DT  B 1 4  ? -1.071  4.099   -4.822  1.00 11.55 ? 14 DT  B C6    1 
ATOM   287 P P     . DA  B 1 5  ? 4.183   5.721   -5.554  1.00 18.04 ? 15 DA  B P     1 
ATOM   288 O OP1   . DA  B 1 5  ? 5.423   6.218   -6.210  1.00 19.48 ? 15 DA  B OP1   1 
ATOM   289 O OP2   . DA  B 1 5  ? 3.955   4.264   -5.404  1.00 17.67 ? 15 DA  B OP2   1 
ATOM   290 O "O5'" . DA  B 1 5  ? 4.098   6.363   -4.102  1.00 14.81 ? 15 DA  B "O5'" 1 
ATOM   291 C "C5'" . DA  B 1 5  ? 4.296   7.763   -3.907  1.00 12.62 ? 15 DA  B "C5'" 1 
ATOM   292 C "C4'" . DA  B 1 5  ? 3.972   8.131   -2.479  1.00 12.86 ? 15 DA  B "C4'" 1 
ATOM   293 O "O4'" . DA  B 1 5  ? 2.609   7.761   -2.178  1.00 14.10 ? 15 DA  B "O4'" 1 
ATOM   294 C "C3'" . DA  B 1 5  ? 4.777   7.362   -1.450  1.00 13.11 ? 15 DA  B "C3'" 1 
ATOM   295 O "O3'" . DA  B 1 5  ? 6.063   7.943   -1.288  1.00 14.59 ? 15 DA  B "O3'" 1 
ATOM   296 C "C2'" . DA  B 1 5  ? 3.910   7.491   -0.219  1.00 10.56 ? 15 DA  B "C2'" 1 
ATOM   297 C "C1'" . DA  B 1 5  ? 2.519   7.335   -0.817  1.00 13.63 ? 15 DA  B "C1'" 1 
ATOM   298 N N9    . DA  B 1 5  ? 1.996   5.966   -0.799  1.00 12.67 ? 15 DA  B N9    1 
ATOM   299 C C8    . DA  B 1 5  ? 1.937   5.048   -1.822  1.00 12.56 ? 15 DA  B C8    1 
ATOM   300 N N7    . DA  B 1 5  ? 1.372   3.916   -1.477  1.00 12.61 ? 15 DA  B N7    1 
ATOM   301 C C5    . DA  B 1 5  ? 1.054   4.094   -0.138  1.00 11.64 ? 15 DA  B C5    1 
ATOM   302 C C6    . DA  B 1 5  ? 0.444   3.258   0.807   1.00 11.59 ? 15 DA  B C6    1 
ATOM   303 N N6    . DA  B 1 5  ? 0.011   2.027   0.541   1.00 13.47 ? 15 DA  B N6    1 
ATOM   304 N N1    . DA  B 1 5  ? 0.277   3.742   2.055   1.00 11.14 ? 15 DA  B N1    1 
ATOM   305 C C2    . DA  B 1 5  ? 0.697   4.979   2.328   1.00 10.18 ? 15 DA  B C2    1 
ATOM   306 N N3    . DA  B 1 5  ? 1.287   5.849   1.530   1.00 11.32 ? 15 DA  B N3    1 
ATOM   307 C C4    . DA  B 1 5  ? 1.438   5.345   0.294   1.00 10.76 ? 15 DA  B C4    1 
HETATM 308 P P     . U31 B 1 6  ? 7.294   7.021   -0.843  1.00 14.94 ? 16 U31 B P     1 
HETATM 309 O O1P   . U31 B 1 6  ? 8.506   7.786   -1.119  1.00 17.34 ? 16 U31 B O1P   1 
HETATM 310 O O2P   . U31 B 1 6  ? 7.135   5.686   -1.431  1.00 16.46 ? 16 U31 B O2P   1 
HETATM 311 O "O5'" . U31 B 1 6  ? 7.099   6.881   0.727   1.00 14.07 ? 16 U31 B "O5'" 1 
HETATM 312 C "C5'" . U31 B 1 6  ? 7.189   8.030   1.578   1.00 11.84 ? 16 U31 B "C5'" 1 
HETATM 313 C "C4'" . U31 B 1 6  ? 6.776   7.663   2.966   1.00 13.48 ? 16 U31 B "C4'" 1 
HETATM 314 O "O4'" . U31 B 1 6  ? 5.376   7.296   2.945   1.00 13.11 ? 16 U31 B "O4'" 1 
HETATM 315 C "C3'" . U31 B 1 6  ? 7.439   6.414   3.518   1.00 15.26 ? 16 U31 B "C3'" 1 
HETATM 316 O "O3'" . U31 B 1 6  ? 8.743   6.652   4.034   1.00 15.67 ? 16 U31 B "O3'" 1 
HETATM 317 C "C2'" . U31 B 1 6  ? 6.469   6.021   4.614   1.00 15.15 ? 16 U31 B "C2'" 1 
HETATM 318 O "O2'" . U31 B 1 6  ? 6.649   6.877   5.711   1.00 16.17 ? 16 U31 B "O2'" 1 
HETATM 319 C "C1'" . U31 B 1 6  ? 5.134   6.280   3.909   1.00 15.24 ? 16 U31 B "C1'" 1 
HETATM 320 N N1    . U31 B 1 6  ? 4.615   5.080   3.224   1.00 13.58 ? 16 U31 B N1    1 
HETATM 321 C C2    . U31 B 1 6  ? 3.896   4.158   3.988   1.00 13.62 ? 16 U31 B C2    1 
HETATM 322 O O2    . U31 B 1 6  ? 3.681   4.309   5.186   1.00 15.82 ? 16 U31 B O2    1 
HETATM 323 N N3    . U31 B 1 6  ? 3.449   3.055   3.304   1.00 11.54 ? 16 U31 B N3    1 
HETATM 324 C C4    . U31 B 1 6  ? 3.641   2.768   1.969   1.00 10.72 ? 16 U31 B C4    1 
HETATM 325 O O4    . U31 B 1 6  ? 3.067   1.787   1.483   1.00 10.58 ? 16 U31 B O4    1 
HETATM 326 C C5    . U31 B 1 6  ? 4.394   3.751   1.244   1.00 10.27 ? 16 U31 B C5    1 
HETATM 327 C C6    . U31 B 1 6  ? 4.838   4.849   1.875   1.00 13.38 ? 16 U31 B C6    1 
HETATM 328 C "CA'" . U31 B 1 6  ? 5.770   6.730   6.807   1.00 20.29 ? 16 U31 B "CA'" 1 
HETATM 329 C "CB'" . U31 B 1 6  ? 6.294   7.563   7.871   1.00 24.61 ? 16 U31 B "CB'" 1 
HETATM 330 C CC    . U31 B 1 6  ? 5.272   8.367   8.471   1.00 28.40 ? 16 U31 B CC    1 
HETATM 331 N "ND'" . U31 B 1 6  ? 5.746   9.195   9.552   1.00 30.02 ? 16 U31 B "ND'" 1 
ATOM   332 P P     . DA  B 1 7  ? 9.848   5.496   3.911   1.00 14.78 ? 17 DA  B P     1 
ATOM   333 O OP1   . DA  B 1 7  ? 11.145  6.128   4.259   1.00 16.73 ? 17 DA  B OP1   1 
ATOM   334 O OP2   . DA  B 1 7  ? 9.679   4.788   2.601   1.00 15.30 ? 17 DA  B OP2   1 
ATOM   335 O "O5'" . DA  B 1 7  ? 9.460   4.453   5.051   1.00 16.19 ? 17 DA  B "O5'" 1 
ATOM   336 C "C5'" . DA  B 1 7  ? 9.615   4.794   6.426   1.00 15.28 ? 17 DA  B "C5'" 1 
ATOM   337 C "C4'" . DA  B 1 7  ? 9.031   3.719   7.311   1.00 14.17 ? 17 DA  B "C4'" 1 
ATOM   338 O "O4'" . DA  B 1 7  ? 7.613   3.626   7.104   1.00 13.47 ? 17 DA  B "O4'" 1 
ATOM   339 C "C3'" . DA  B 1 7  ? 9.518   2.295   7.106   1.00 13.79 ? 17 DA  B "C3'" 1 
ATOM   340 O "O3'" . DA  B 1 7  ? 10.781  2.085   7.726   1.00 15.40 ? 17 DA  B "O3'" 1 
ATOM   341 C "C2'" . DA  B 1 7  ? 8.427   1.507   7.805   1.00 12.16 ? 17 DA  B "C2'" 1 
ATOM   342 C "C1'" . DA  B 1 7  ? 7.182   2.284   7.384   1.00 12.55 ? 17 DA  B "C1'" 1 
ATOM   343 N N9    . DA  B 1 7  ? 6.609   1.735   6.159   1.00 10.95 ? 17 DA  B N9    1 
ATOM   344 C C8    . DA  B 1 7  ? 6.832   2.163   4.880   1.00 11.62 ? 17 DA  B C8    1 
ATOM   345 N N7    . DA  B 1 7  ? 6.206   1.460   3.972   1.00 12.30 ? 17 DA  B N7    1 
ATOM   346 C C5    . DA  B 1 7  ? 5.513   0.509   4.705   1.00 10.70 ? 17 DA  B C5    1 
ATOM   347 C C6    . DA  B 1 7  ? 4.652   -0.540  4.323   1.00 9.45  ? 17 DA  B C6    1 
ATOM   348 N N6    . DA  B 1 7  ? 4.304   -0.791  3.051   1.00 8.85  ? 17 DA  B N6    1 
ATOM   349 N N1    . DA  B 1 7  ? 4.144   -1.317  5.298   1.00 9.96  ? 17 DA  B N1    1 
ATOM   350 C C2    . DA  B 1 7  ? 4.484   -1.051  6.575   1.00 10.49 ? 17 DA  B C2    1 
ATOM   351 N N3    . DA  B 1 7  ? 5.271   -0.098  7.053   1.00 10.67 ? 17 DA  B N3    1 
ATOM   352 C C4    . DA  B 1 7  ? 5.759   0.660   6.056   1.00 11.02 ? 17 DA  B C4    1 
ATOM   353 P P     . DC  B 1 8  ? 11.829  1.092   7.045   1.00 15.80 ? 18 DC  B P     1 
ATOM   354 O OP1   . DC  B 1 8  ? 13.080  1.230   7.790   1.00 16.12 ? 18 DC  B OP1   1 
ATOM   355 O OP2   . DC  B 1 8  ? 11.829  1.316   5.578   1.00 17.84 ? 18 DC  B OP2   1 
ATOM   356 O "O5'" . DC  B 1 8  ? 11.219  -0.363  7.283   1.00 16.45 ? 18 DC  B "O5'" 1 
ATOM   357 C "C5'" . DC  B 1 8  ? 11.062  -0.895  8.607   1.00 14.40 ? 18 DC  B "C5'" 1 
ATOM   358 C "C4'" . DC  B 1 8  ? 10.136  -2.090  8.592   1.00 13.72 ? 18 DC  B "C4'" 1 
ATOM   359 O "O4'" . DC  B 1 8  ? 8.838   -1.698  8.085   1.00 13.76 ? 18 DC  B "O4'" 1 
ATOM   360 C "C3'" . DC  B 1 8  ? 10.539  -3.270  7.707   1.00 14.35 ? 18 DC  B "C3'" 1 
ATOM   361 O "O3'" . DC  B 1 8  ? 11.510  -4.105  8.341   1.00 16.49 ? 18 DC  B "O3'" 1 
ATOM   362 C "C2'" . DC  B 1 8  ? 9.215   -3.992  7.566   1.00 15.21 ? 18 DC  B "C2'" 1 
ATOM   363 C "C1'" . DC  B 1 8  ? 8.238   -2.818  7.429   1.00 14.46 ? 18 DC  B "C1'" 1 
ATOM   364 N N1    . DC  B 1 8  ? 8.012   -2.472  6.012   1.00 12.29 ? 18 DC  B N1    1 
ATOM   365 C C2    . DC  B 1 8  ? 7.068   -3.231  5.298   1.00 10.12 ? 18 DC  B C2    1 
ATOM   366 O O2    . DC  B 1 8  ? 6.450   -4.122  5.881   1.00 10.81 ? 18 DC  B O2    1 
ATOM   367 N N3    . DC  B 1 8  ? 6.851   -2.968  3.983   1.00 9.00  ? 18 DC  B N3    1 
ATOM   368 C C4    . DC  B 1 8  ? 7.532   -1.994  3.379   1.00 9.80  ? 18 DC  B C4    1 
ATOM   369 N N4    . DC  B 1 8  ? 7.254   -1.755  2.088   1.00 10.73 ? 18 DC  B N4    1 
ATOM   370 C C5    . DC  B 1 8  ? 8.514   -1.208  4.075   1.00 10.66 ? 18 DC  B C5    1 
ATOM   371 C C6    . DC  B 1 8  ? 8.710   -1.467  5.383   1.00 9.78  ? 18 DC  B C6    1 
ATOM   372 P P     . DG  B 1 9  ? 12.456  -5.049  7.444   1.00 17.05 ? 19 DG  B P     1 
ATOM   373 O OP1   . DG  B 1 9  ? 13.417  -5.694  8.381   1.00 20.20 ? 19 DG  B OP1   1 
ATOM   374 O OP2   . DG  B 1 9  ? 12.975  -4.285  6.273   1.00 20.13 ? 19 DG  B OP2   1 
ATOM   375 O "O5'" . DG  B 1 9  ? 11.487  -6.180  6.864   1.00 16.06 ? 19 DG  B "O5'" 1 
ATOM   376 C "C5'" . DG  B 1 9  ? 10.810  -7.100  7.730   1.00 14.16 ? 19 DG  B "C5'" 1 
ATOM   377 C "C4'" . DG  B 1 9  ? 9.787   -7.906  6.962   1.00 13.62 ? 19 DG  B "C4'" 1 
ATOM   378 O "O4'" . DG  B 1 9  ? 8.786   -7.033  6.393   1.00 13.76 ? 19 DG  B "O4'" 1 
ATOM   379 C "C3'" . DG  B 1 9  ? 10.276  -8.734  5.776   1.00 13.13 ? 19 DG  B "C3'" 1 
ATOM   380 O "O3'" . DG  B 1 9  ? 10.823  -9.982  6.210   1.00 12.72 ? 19 DG  B "O3'" 1 
ATOM   381 C "C2'" . DG  B 1 9  ? 8.977   -8.975  5.030   1.00 11.83 ? 19 DG  B "C2'" 1 
ATOM   382 C "C1'" . DG  B 1 9  ? 8.246   -7.650  5.219   1.00 10.71 ? 19 DG  B "C1'" 1 
ATOM   383 N N9    . DG  B 1 9  ? 8.443   -6.748  4.090   1.00 11.87 ? 19 DG  B N9    1 
ATOM   384 C C8    . DG  B 1 9  ? 9.194   -5.602  4.018   1.00 10.85 ? 19 DG  B C8    1 
ATOM   385 N N7    . DG  B 1 9  ? 9.125   -5.017  2.848   1.00 11.22 ? 19 DG  B N7    1 
ATOM   386 C C5    . DG  B 1 9  ? 8.278   -5.834  2.112   1.00 10.17 ? 19 DG  B C5    1 
ATOM   387 C C6    . DG  B 1 9  ? 7.808   -5.725  0.781   1.00 9.15  ? 19 DG  B C6    1 
ATOM   388 O O6    . DG  B 1 9  ? 8.029   -4.838  -0.035  1.00 11.27 ? 19 DG  B O6    1 
ATOM   389 N N1    . DG  B 1 9  ? 6.993   -6.799  0.429   1.00 9.58  ? 19 DG  B N1    1 
ATOM   390 C C2    . DG  B 1 9  ? 6.676   -7.842  1.251   1.00 10.21 ? 19 DG  B C2    1 
ATOM   391 N N2    . DG  B 1 9  ? 5.930   -8.803  0.734   1.00 10.25 ? 19 DG  B N2    1 
ATOM   392 N N3    . DG  B 1 9  ? 7.075   -7.938  2.502   1.00 11.04 ? 19 DG  B N3    1 
ATOM   393 C C4    . DG  B 1 9  ? 7.869   -6.912  2.861   1.00 10.78 ? 19 DG  B C4    1 
ATOM   394 P P     . DC  B 1 10 ? 11.758  -10.834 5.220   1.00 12.51 ? 20 DC  B P     1 
ATOM   395 O OP1   . DC  B 1 10 ? 12.149  -12.070 5.983   1.00 12.66 ? 20 DC  B OP1   1 
ATOM   396 O OP2   . DC  B 1 10 ? 12.814  -9.961  4.636   1.00 10.95 ? 20 DC  B OP2   1 
ATOM   397 O "O5'" . DC  B 1 10 ? 10.816  -11.297 4.017   1.00 11.69 ? 20 DC  B "O5'" 1 
ATOM   398 C "C5'" . DC  B 1 10 ? 9.783   -12.278 4.189   1.00 11.03 ? 20 DC  B "C5'" 1 
ATOM   399 C "C4'" . DC  B 1 10 ? 9.217   -12.656 2.840   1.00 10.98 ? 20 DC  B "C4'" 1 
ATOM   400 O "O4'" . DC  B 1 10 ? 8.569   -11.499 2.280   1.00 12.67 ? 20 DC  B "O4'" 1 
ATOM   401 C "C3'" . DC  B 1 10 ? 10.242  -13.039 1.780   1.00 12.82 ? 20 DC  B "C3'" 1 
ATOM   402 O "O3'" . DC  B 1 10 ? 10.656  -14.396 1.851   1.00 15.83 ? 20 DC  B "O3'" 1 
ATOM   403 C "C2'" . DC  B 1 10 ? 9.488   -12.761 0.493   1.00 10.84 ? 20 DC  B "C2'" 1 
ATOM   404 C "C1'" . DC  B 1 10 ? 8.638   -11.545 0.858   1.00 11.50 ? 20 DC  B "C1'" 1 
ATOM   405 N N1    . DC  B 1 10 ? 9.169   -10.258 0.388   1.00 10.37 ? 20 DC  B N1    1 
ATOM   406 C C2    . DC  B 1 10 ? 8.847   -9.831  -0.900  1.00 10.77 ? 20 DC  B C2    1 
ATOM   407 O O2    . DC  B 1 10 ? 8.164   -10.574 -1.625  1.00 11.18 ? 20 DC  B O2    1 
ATOM   408 N N3    . DC  B 1 10 ? 9.283   -8.623  -1.333  1.00 10.19 ? 20 DC  B N3    1 
ATOM   409 C C4    . DC  B 1 10 ? 10.031  -7.861  -0.523  1.00 10.37 ? 20 DC  B C4    1 
ATOM   410 N N4    . DC  B 1 10 ? 10.421  -6.661  -0.967  1.00 11.57 ? 20 DC  B N4    1 
ATOM   411 C C5    . DC  B 1 10 ? 10.404  -8.293  0.784   1.00 8.95  ? 20 DC  B C5    1 
ATOM   412 C C6    . DC  B 1 10 ? 9.952   -9.482  1.199   1.00 7.99  ? 20 DC  B C6    1 
HETATM 413 O O     . HOH C 2 .  ? -6.724  7.697   -8.441  1.00 14.91 ? 11 HOH A O     1 
HETATM 414 O O     . HOH C 2 .  ? -14.252 11.760  -8.924  1.00 14.45 ? 12 HOH A O     1 
HETATM 415 O O     . HOH C 2 .  ? 2.886   -3.158  -2.290  1.00 17.00 ? 13 HOH A O     1 
HETATM 416 O O     . HOH C 2 .  ? -5.286  -5.974  10.578  1.00 20.12 ? 14 HOH A O     1 
HETATM 417 O O     . HOH C 2 .  ? 1.502   0.767   9.792   1.00 14.78 ? 15 HOH A O     1 
HETATM 418 O O     . HOH C 2 .  ? 4.384   -11.584 -2.001  1.00 18.37 ? 16 HOH A O     1 
HETATM 419 O O     . HOH C 2 .  ? -14.326 12.752  -6.349  1.00 15.45 ? 17 HOH A O     1 
HETATM 420 O O     . HOH C 2 .  ? -2.516  -5.381  4.576   1.00 17.05 ? 18 HOH A O     1 
HETATM 421 O O     . HOH C 2 .  ? 1.437   -3.970  -4.618  1.00 23.33 ? 19 HOH A O     1 
HETATM 422 O O     . HOH C 2 .  ? 0.584   6.772   5.644   1.00 17.02 ? 20 HOH A O     1 
HETATM 423 O O     . HOH C 2 .  ? 4.997   -1.609  -1.221  1.00 22.45 ? 21 HOH A O     1 
HETATM 424 O O     . HOH C 2 .  ? -0.319  1.044   11.904  1.00 26.01 ? 22 HOH A O     1 
HETATM 425 O O     . HOH C 2 .  ? 1.552   -2.006  0.440   1.00 23.80 ? 23 HOH A O     1 
HETATM 426 O O     . HOH C 2 .  ? 4.686   -10.783 -7.339  1.00 22.19 ? 24 HOH A O     1 
HETATM 427 O O     . HOH C 2 .  ? -5.399  2.094   3.642   1.00 22.48 ? 25 HOH A O     1 
HETATM 428 O O     . HOH C 2 .  ? -11.718 8.926   -2.030  1.00 28.18 ? 26 HOH A O     1 
HETATM 429 O O     . HOH C 2 .  ? -2.562  -12.559 -2.691  1.00 26.86 ? 27 HOH A O     1 
HETATM 430 O O     . HOH C 2 .  ? -3.244  -10.476 9.234   1.00 23.02 ? 28 HOH A O     1 
HETATM 431 O O     . HOH C 2 .  ? -8.797  15.191  -1.156  1.00 24.02 ? 29 HOH A O     1 
HETATM 432 O O     . HOH C 2 .  ? -2.320  -6.088  0.153   1.00 27.38 ? 30 HOH A O     1 
HETATM 433 O O     . HOH C 2 .  ? -9.556  5.925   -0.174  1.00 24.86 ? 31 HOH A O     1 
HETATM 434 O O     . HOH C 2 .  ? 1.448   3.497   9.534   1.00 30.51 ? 32 HOH A O     1 
HETATM 435 O O     . HOH C 2 .  ? -9.392  3.156   -0.871  1.00 25.18 ? 33 HOH A O     1 
HETATM 436 O O     . HOH C 2 .  ? -7.045  9.968   -9.714  1.00 28.50 ? 34 HOH A O     1 
HETATM 437 O O     . HOH C 2 .  ? -6.269  1.381   6.028   1.00 25.08 ? 35 HOH A O     1 
HETATM 438 O O     . HOH C 2 .  ? -2.075  -2.158  2.467   1.00 28.95 ? 36 HOH A O     1 
HETATM 439 O O     . HOH C 2 .  ? 0.413   -6.023  -2.910  1.00 27.95 ? 37 HOH A O     1 
HETATM 440 O O     . HOH C 2 .  ? -7.026  -4.880  8.847   1.00 29.59 ? 38 HOH A O     1 
HETATM 441 O O     . HOH C 2 .  ? 4.064   -2.868  -6.511  1.00 35.12 ? 39 HOH A O     1 
HETATM 442 O O     . HOH C 2 .  ? -12.398 11.703  -12.171 1.00 25.91 ? 40 HOH A O     1 
HETATM 443 O O     . HOH C 2 .  ? -4.843  -9.395  5.416   1.00 34.73 ? 41 HOH A O     1 
HETATM 444 O O     . HOH C 2 .  ? -5.339  -11.709 10.345  1.00 26.41 ? 42 HOH A O     1 
HETATM 445 O O     . HOH C 2 .  ? -7.821  -1.565  3.118   1.00 39.87 ? 43 HOH A O     1 
HETATM 446 O O     . HOH C 2 .  ? -6.364  -3.127  6.216   1.00 38.29 ? 44 HOH A O     1 
HETATM 447 O O     . HOH C 2 .  ? -11.202 16.620  0.520   1.00 27.91 ? 45 HOH A O     1 
HETATM 448 O O     . HOH C 2 .  ? -3.836  -12.078 6.589   1.00 37.27 ? 46 HOH A O     1 
HETATM 449 O O     . HOH C 2 .  ? -11.796 6.086   -1.678  1.00 29.36 ? 47 HOH A O     1 
HETATM 450 O O     . HOH C 2 .  ? -8.946  10.702  -11.119 1.00 33.36 ? 48 HOH A O     1 
HETATM 451 O O     . HOH C 2 .  ? 9.953   -3.102  -3.106  1.00 34.07 ? 49 HOH A O     1 
HETATM 452 O O     . HOH C 2 .  ? -7.556  2.838   2.422   1.00 29.27 ? 50 HOH A O     1 
HETATM 453 O O     . HOH C 2 .  ? 6.469   -2.119  -4.608  1.00 34.62 ? 51 HOH A O     1 
HETATM 454 O O     . HOH C 2 .  ? -11.955 12.940  -2.491  1.00 28.75 ? 52 HOH A O     1 
HETATM 455 O O     . HOH C 2 .  ? -13.988 8.626   1.005   1.00 35.37 ? 53 HOH A O     1 
HETATM 456 O O     . HOH C 2 .  ? -10.380 15.615  -4.852  1.00 30.09 ? 54 HOH A O     1 
HETATM 457 O O     . HOH C 2 .  ? -3.853  -7.051  -2.015  1.00 35.72 ? 55 HOH A O     1 
HETATM 458 O O     . HOH C 2 .  ? -3.667  -10.347 -5.924  1.00 38.04 ? 56 HOH A O     1 
HETATM 459 O O     . HOH C 2 .  ? -5.040  0.207   1.073   1.00 32.93 ? 57 HOH A O     1 
HETATM 460 O O     . HOH C 2 .  ? 2.355   6.892   7.659   1.00 26.41 ? 58 HOH A O     1 
HETATM 461 O O     . HOH C 2 .  ? 11.294  -3.845  -4.078  1.00 39.73 ? 59 HOH A O     1 
HETATM 462 O O     . HOH C 2 .  ? -7.580  5.281   4.592   1.00 37.30 ? 60 HOH A O     1 
HETATM 463 O O     . HOH C 2 .  ? -10.393 2.496   4.620   1.00 41.76 ? 61 HOH A O     1 
HETATM 464 O O     . HOH C 2 .  ? -0.740  -3.931  -1.203  1.00 31.44 ? 62 HOH A O     1 
HETATM 465 O O     . HOH C 2 .  ? 7.518   -1.131  -7.764  1.00 41.34 ? 63 HOH A O     1 
HETATM 466 O O     . HOH C 2 .  ? -9.600  7.457   1.828   1.00 33.11 ? 64 HOH A O     1 
HETATM 467 O O     . HOH C 2 .  ? -0.971  -1.766  -0.120  1.00 41.23 ? 65 HOH A O     1 
HETATM 468 O O     . HOH C 2 .  ? -5.744  -13.911 -2.978  1.00 41.66 ? 66 HOH A O     1 
HETATM 469 O O     . HOH C 2 .  ? -9.983  4.794   2.010   1.00 36.03 ? 67 HOH A O     1 
HETATM 470 O O     . HOH C 2 .  ? 11.684  -3.147  -6.418  1.00 41.33 ? 68 HOH A O     1 
HETATM 471 O O     . HOH C 2 .  ? -2.649  -6.188  -5.827  1.00 38.91 ? 69 HOH A O     1 
HETATM 472 O O     . HOH C 2 .  ? -6.915  -11.735 -3.102  1.00 39.92 ? 70 HOH A O     1 
HETATM 473 O O     . HOH C 2 .  ? -2.581  -9.080  -7.815  1.00 33.19 ? 71 HOH A O     1 
HETATM 474 O O     . HOH C 2 .  ? 8.846   -1.916  -5.317  1.00 37.38 ? 72 HOH A O     1 
HETATM 475 O O     . HOH C 2 .  ? -9.101  2.353   7.963   1.00 35.49 ? 73 HOH A O     1 
HETATM 476 O O     . HOH C 2 .  ? -8.621  0.337   5.353   1.00 38.11 ? 74 HOH A O     1 
HETATM 477 O O     . HOH C 2 .  ? -4.454  -0.908  3.410   1.00 38.60 ? 75 HOH A O     1 
HETATM 478 O O     . HOH C 2 .  ? -11.389 9.440   2.128   1.00 37.78 ? 76 HOH A O     1 
HETATM 479 O O     . HOH C 2 .  ? -0.276  4.154   12.530  1.00 42.64 ? 77 HOH A O     1 
HETATM 480 O O     . HOH D 2 .  ? 6.972   -12.844 -1.868  1.00 15.42 ? 21 HOH B O     1 
HETATM 481 O O     . HOH D 2 .  ? -4.389  6.578   -8.095  1.00 23.82 ? 22 HOH B O     1 
HETATM 482 O O     . HOH D 2 .  ? 6.775   1.374   1.224   1.00 21.33 ? 23 HOH B O     1 
HETATM 483 O O     . HOH D 2 .  ? 12.218  -4.864  0.208   1.00 16.54 ? 24 HOH B O     1 
HETATM 484 O O     . HOH D 2 .  ? 11.075  -3.086  2.146   1.00 23.48 ? 25 HOH B O     1 
HETATM 485 O O     . HOH D 2 .  ? 12.655  -7.963  3.176   1.00 20.22 ? 26 HOH B O     1 
HETATM 486 O O     . HOH D 2 .  ? -0.992  -0.893  -6.990  1.00 22.62 ? 27 HOH B O     1 
HETATM 487 O O     . HOH D 2 .  ? -5.177  -1.073  -3.833  1.00 30.77 ? 28 HOH B O     1 
HETATM 488 O O     . HOH D 2 .  ? -4.439  -2.498  -6.448  1.00 31.81 ? 29 HOH B O     1 
HETATM 489 O O     . HOH D 2 .  ? 1.777   1.524   -2.725  1.00 21.01 ? 30 HOH B O     1 
HETATM 490 O O     . HOH D 2 .  ? 9.399   -2.404  -0.460  1.00 22.10 ? 31 HOH B O     1 
HETATM 491 O O     . HOH D 2 .  ? 12.741  -5.204  3.843   1.00 25.70 ? 32 HOH B O     1 
HETATM 492 O O     . HOH D 2 .  ? -6.651  0.738   -1.134  1.00 33.17 ? 33 HOH B O     1 
HETATM 493 O O     . HOH D 2 .  ? 5.985   4.416   9.981   1.00 28.44 ? 34 HOH B O     1 
HETATM 494 O O     . HOH D 2 .  ? -14.093 -8.953  -3.308  1.00 23.91 ? 35 HOH B O     1 
HETATM 495 O O     . HOH D 2 .  ? 10.263  2.164   3.178   1.00 22.68 ? 36 HOH B O     1 
HETATM 496 O O     . HOH D 2 .  ? -2.981  -0.040  -1.724  1.00 26.27 ? 37 HOH B O     1 
HETATM 497 O O     . HOH D 2 .  ? -14.675 -6.241  -5.445  1.00 33.49 ? 38 HOH B O     1 
HETATM 498 O O     . HOH D 2 .  ? 14.356  -2.258  5.935   1.00 21.57 ? 39 HOH B O     1 
HETATM 499 O O     . HOH D 2 .  ? 12.005  -12.652 8.803   1.00 40.80 ? 40 HOH B O     1 
HETATM 500 O O     . HOH D 2 .  ? 12.631  -10.121 9.843   1.00 33.88 ? 41 HOH B O     1 
HETATM 501 O O     . HOH D 2 .  ? 4.864   3.685   -2.168  1.00 30.01 ? 42 HOH B O     1 
HETATM 502 O O     . HOH D 2 .  ? 9.781   -0.017  0.982   1.00 23.99 ? 43 HOH B O     1 
HETATM 503 O O     . HOH D 2 .  ? -13.482 -9.207  -5.987  1.00 35.86 ? 44 HOH B O     1 
HETATM 504 O O     . HOH D 2 .  ? 9.617   -16.514 1.599   1.00 27.13 ? 45 HOH B O     1 
HETATM 505 O O     . HOH D 2 .  ? 8.348   5.275   10.614  1.00 37.58 ? 46 HOH B O     1 
HETATM 506 O O     . HOH D 2 .  ? -0.990  -0.811  -13.188 1.00 28.86 ? 47 HOH B O     1 
HETATM 507 O O     . HOH D 2 .  ? 8.157   3.876   0.448   1.00 24.52 ? 48 HOH B O     1 
HETATM 508 O O     . HOH D 2 .  ? -12.291 -4.165  -0.953  1.00 36.93 ? 49 HOH B O     1 
HETATM 509 O O     . HOH D 2 .  ? -0.725  -1.886  -4.259  1.00 35.34 ? 50 HOH B O     1 
HETATM 510 O O     . HOH D 2 .  ? 4.811   0.772   9.656   1.00 26.62 ? 51 HOH B O     1 
HETATM 511 O O     . HOH D 2 .  ? 11.749  8.183   2.302   1.00 34.40 ? 52 HOH B O     1 
HETATM 512 O O     . HOH D 2 .  ? -0.867  -3.180  -8.765  1.00 40.40 ? 53 HOH B O     1 
HETATM 513 O O     . HOH D 2 .  ? -6.468  -4.931  2.614   1.00 36.72 ? 54 HOH B O     1 
HETATM 514 O O     . HOH D 2 .  ? 3.828   4.331   8.067   1.00 31.74 ? 55 HOH B O     1 
HETATM 515 O O     . HOH D 2 .  ? 12.543  -1.207  3.740   1.00 34.93 ? 56 HOH B O     1 
HETATM 516 O O     . HOH D 2 .  ? -8.266  -1.437  -2.333  1.00 32.69 ? 57 HOH B O     1 
HETATM 517 O O     . HOH D 2 .  ? -7.708  -4.627  -4.116  1.00 33.18 ? 58 HOH B O     1 
HETATM 518 O O     . HOH D 2 .  ? 3.476   0.433   -0.970  1.00 37.85 ? 59 HOH B O     1 
HETATM 519 O O     . HOH D 2 .  ? 11.818  8.410   7.085   1.00 34.32 ? 60 HOH B O     1 
HETATM 520 O O     . HOH D 2 .  ? 4.266   3.645   -9.373  1.00 38.25 ? 61 HOH B O     1 
HETATM 521 O O     . HOH D 2 .  ? 2.479   -0.561  -9.213  1.00 33.10 ? 62 HOH B O     1 
HETATM 522 O O     . HOH D 2 .  ? 8.469   9.546   10.183  1.00 30.03 ? 63 HOH B O     1 
HETATM 523 O O     . HOH D 2 .  ? 14.137  -0.290  1.522   1.00 33.95 ? 64 HOH B O     1 
HETATM 524 O O     . HOH D 2 .  ? -13.888 -6.974  -8.055  1.00 35.70 ? 65 HOH B O     1 
HETATM 525 O O     . HOH D 2 .  ? 4.917   0.393   -10.164 1.00 40.53 ? 66 HOH B O     1 
HETATM 526 O O     . HOH D 2 .  ? 0.382   0.145   -1.587  1.00 32.70 ? 67 HOH B O     1 
HETATM 527 O O     . HOH D 2 .  ? 15.622  0.842   5.511   1.00 41.53 ? 68 HOH B O     1 
HETATM 528 O O     . HOH D 2 .  ? 15.579  -12.321 7.750   1.00 38.09 ? 69 HOH B O     1 
HETATM 529 O O     . HOH D 2 .  ? 10.299  6.816   9.474   1.00 36.25 ? 70 HOH B O     1 
HETATM 530 O O     . HOH D 2 .  ? -8.249  -7.545  -10.112 1.00 33.34 ? 71 HOH B O     1 
HETATM 531 O O     . HOH D 2 .  ? 7.038   6.714   13.794  1.00 40.08 ? 72 HOH B O     1 
HETATM 532 O O     . HOH D 2 .  ? 2.422   9.356   12.350  1.00 36.95 ? 73 HOH B O     1 
HETATM 533 O O     . HOH D 2 .  ? 1.290   -0.447  -12.374 1.00 32.98 ? 74 HOH B O     1 
HETATM 534 O O     . HOH D 2 .  ? 10.965  6.731   0.226   1.00 29.15 ? 75 HOH B O     1 
HETATM 535 O O     . HOH D 2 .  ? -11.719 -6.949  -10.267 1.00 34.41 ? 76 HOH B O     1 
HETATM 536 O O     . HOH D 2 .  ? -11.767 -7.409  -1.995  1.00 37.25 ? 77 HOH B O     1 
HETATM 537 O O     . HOH D 2 .  ? -6.908  -8.874  -8.013  1.00 35.28 ? 78 HOH B O     1 
HETATM 538 O O     . HOH D 2 .  ? -12.308 1.815   -0.945  1.00 35.67 ? 79 HOH B O     1 
HETATM 539 O O     . HOH D 2 .  ? -12.652 -0.570  -0.487  1.00 47.66 ? 80 HOH B O     1 
HETATM 540 O O     . HOH D 2 .  ? -11.636 -4.673  3.891   1.00 42.10 ? 81 HOH B O     1 
HETATM 541 O O     . HOH D 2 .  ? 15.243  -0.772  8.151   1.00 35.03 ? 82 HOH B O     1 
HETATM 542 O O     . HOH D 2 .  ? 2.573   1.339   -5.575  1.00 41.14 ? 83 HOH B O     1 
HETATM 543 O O     . HOH D 2 .  ? 3.070   7.588   10.465  1.00 33.17 ? 84 HOH B O     1 
HETATM 544 O O     . HOH D 2 .  ? 13.758  2.613   1.072   1.00 41.24 ? 85 HOH B O     1 
HETATM 545 O O     . HOH D 2 .  ? -12.704 -3.253  1.999   1.00 40.85 ? 86 HOH B O     1 
HETATM 546 O O     . HOH D 2 .  ? -9.101  -6.029  2.918   1.00 41.39 ? 87 HOH B O     1 
HETATM 547 O O     . HOH D 2 .  ? 6.462   1.487   -3.409  1.00 44.16 ? 88 HOH B O     1 
HETATM 548 O O     . HOH D 2 .  ? 16.216  -5.409  3.914   1.00 35.82 ? 89 HOH B O     1 
HETATM 549 O O     . HOH D 2 .  ? 1.337   3.165   -12.197 1.00 36.96 ? 90 HOH B O     1 
HETATM 550 O O     . HOH D 2 .  ? 4.441   6.021   11.982  1.00 37.87 ? 91 HOH B O     1 
HETATM 551 O O     . HOH D 2 .  ? 13.275  -3.968  -2.016  1.00 35.33 ? 92 HOH B O     1 
HETATM 552 O O     . HOH D 2 .  ? 14.299  -13.815 5.472   1.00 42.13 ? 93 HOH B O     1 
HETATM 553 O O     . HOH D 2 .  ? 8.266   3.902   -3.237  1.00 39.47 ? 94 HOH B O     1 
HETATM 554 O O     . HOH D 2 .  ? -6.083  -8.262  -4.882  1.00 43.90 ? 95 HOH B O     1 
HETATM 555 O O     . HOH D 2 .  ? 8.570   5.935   -5.199  1.00 44.88 ? 96 HOH B O     1 
HETATM 556 O O     . HOH D 2 .  ? 14.244  1.013   10.049  1.00 42.98 ? 97 HOH B O     1 
HETATM 557 O O     . HOH D 2 .  ? -3.548  -5.501  -9.606  1.00 34.95 ? 98 HOH B O     1 
# 
